data_3EFQ
#
_entry.id   3EFQ
#
_cell.length_a   132.961
_cell.length_b   119.157
_cell.length_c   63.040
_cell.angle_alpha   90.00
_cell.angle_beta   111.38
_cell.angle_gamma   90.00
#
_symmetry.space_group_name_H-M   'C 1 2 1'
#
loop_
_entity.id
_entity.type
_entity.pdbx_description
1 polymer 'Farnesyl pyrophosphate synthase'
2 non-polymer 'MAGNESIUM ION'
3 non-polymer 1-(2,2-diphosphonoethyl)-3-(octyloxy)pyridinium
4 water water
#
_entity_poly.entity_id   1
_entity_poly.type   'polypeptide(L)'
_entity_poly.pdbx_seq_one_letter_code
;MGSSHHHHHHSSGLVPRGSHMASMPMQMFMQVYDEIQMFLLEELELKFDMDPNRVRYLRKMMDTTCLGGKYNRGLTVIDV
AESLLSLSPNNNGEEDDGARRKRVLHDACVCGWMIEFLQAHYLVEDDIMDNSVTRRGKPCWYRHPDVTVQCAINDGLLLK
SWTHMMAMHFFADRPFLQDLLCRFNRVDYTTAVGQLYDVTSMFDSNKLDPDVSQPTTTDFAEFTLSNYKRIVKYKTAYYT
YLLPLVMGLIVSEALPTVDMGVTEELAMLMGEYFQVQDDVMDCFTPPERLGKVGTDIQDAKCSWLAVTFLAKASSAQVAE
FKANYGSGDSEKVATVRRLYEEADLQGDYVAYEAAVAEQVKELIEKLRLCSPGFAASVETLWGKTYKRQK
;
_entity_poly.pdbx_strand_id   A,B
#
# COMPACT_ATOMS: atom_id res chain seq x y z
N MET A 24 -9.85 -23.33 -22.80
CA MET A 24 -8.48 -22.99 -23.26
C MET A 24 -7.90 -21.72 -22.60
N PRO A 25 -8.69 -20.61 -22.53
CA PRO A 25 -8.12 -19.38 -21.93
C PRO A 25 -7.62 -19.61 -20.51
N MET A 26 -8.36 -20.40 -19.73
CA MET A 26 -7.92 -20.76 -18.37
C MET A 26 -6.56 -21.47 -18.38
N GLN A 27 -6.26 -22.20 -19.46
CA GLN A 27 -5.02 -22.94 -19.59
C GLN A 27 -3.80 -22.04 -19.81
N MET A 28 -3.88 -21.09 -20.76
CA MET A 28 -2.76 -20.15 -20.94
C MET A 28 -2.60 -19.21 -19.73
N PHE A 29 -3.72 -18.81 -19.13
CA PHE A 29 -3.74 -17.98 -17.92
C PHE A 29 -2.96 -18.61 -16.78
N MET A 30 -3.21 -19.89 -16.53
CA MET A 30 -2.55 -20.58 -15.43
C MET A 30 -1.09 -20.90 -15.70
N GLN A 31 -0.73 -21.07 -16.98
CA GLN A 31 0.67 -21.18 -17.40
C GLN A 31 1.42 -19.87 -17.11
N VAL A 32 0.79 -18.76 -17.43
CA VAL A 32 1.38 -17.43 -17.19
C VAL A 32 1.47 -17.11 -15.69
N TYR A 33 0.51 -17.57 -14.88
CA TYR A 33 0.68 -17.44 -13.43
C TYR A 33 2.04 -18.02 -12.99
N ASP A 34 2.38 -19.21 -13.49
CA ASP A 34 3.64 -19.88 -13.13
C ASP A 34 4.85 -19.08 -13.61
N GLU A 35 4.77 -18.59 -14.84
CA GLU A 35 5.76 -17.67 -15.39
C GLU A 35 5.97 -16.49 -14.43
N ILE A 36 4.86 -15.87 -14.01
CA ILE A 36 4.92 -14.69 -13.13
C ILE A 36 5.48 -15.07 -11.77
N GLN A 37 4.94 -16.13 -11.18
CA GLN A 37 5.40 -16.61 -9.87
C GLN A 37 6.89 -16.90 -9.83
N MET A 38 7.39 -17.53 -10.88
CA MET A 38 8.82 -17.83 -10.99
C MET A 38 9.68 -16.56 -11.11
N PHE A 39 9.29 -15.64 -11.99
CA PHE A 39 10.07 -14.39 -12.09
C PHE A 39 10.20 -13.67 -10.75
N LEU A 40 9.09 -13.55 -10.02
CA LEU A 40 9.04 -12.78 -8.77
C LEU A 40 9.78 -13.43 -7.62
N LEU A 41 9.59 -14.74 -7.44
CA LEU A 41 10.23 -15.45 -6.34
C LEU A 41 11.73 -15.68 -6.55
N GLU A 42 12.12 -15.94 -7.80
CA GLU A 42 13.56 -16.04 -8.12
C GLU A 42 14.27 -14.69 -8.02
N GLU A 43 13.59 -13.61 -8.40
CA GLU A 43 14.20 -12.29 -8.27
C GLU A 43 14.48 -11.98 -6.80
N LEU A 44 13.56 -12.37 -5.93
CA LEU A 44 13.70 -12.17 -4.49
C LEU A 44 14.86 -12.99 -3.92
N GLU A 45 14.99 -14.22 -4.40
CA GLU A 45 16.13 -15.08 -4.08
C GLU A 45 17.47 -14.46 -4.49
N LEU A 46 17.53 -13.97 -5.72
CA LEU A 46 18.78 -13.63 -6.37
C LEU A 46 19.21 -12.19 -6.15
N LYS A 47 18.24 -11.28 -6.04
CA LYS A 47 18.54 -9.86 -5.91
C LYS A 47 18.18 -9.24 -4.57
N PHE A 48 17.42 -9.96 -3.75
CA PHE A 48 16.87 -9.42 -2.50
C PHE A 48 17.32 -10.18 -1.27
N ASP A 49 18.25 -11.11 -1.46
CA ASP A 49 18.86 -11.89 -0.39
C ASP A 49 17.89 -12.76 0.40
N MET A 50 16.78 -13.14 -0.22
CA MET A 50 15.74 -13.86 0.51
C MET A 50 16.10 -15.33 0.71
N ASP A 51 15.85 -15.83 1.92
CA ASP A 51 16.06 -17.24 2.26
C ASP A 51 14.91 -18.09 1.75
N PRO A 52 15.16 -19.41 1.51
CA PRO A 52 14.10 -20.26 0.98
C PRO A 52 12.93 -20.46 1.96
N ASN A 53 13.14 -20.17 3.23
CA ASN A 53 12.02 -20.25 4.16
C ASN A 53 10.98 -19.17 3.83
N ARG A 54 11.45 -17.95 3.59
CA ARG A 54 10.54 -16.84 3.31
C ARG A 54 10.00 -16.91 1.88
N VAL A 55 10.84 -17.32 0.93
CA VAL A 55 10.40 -17.60 -0.43
C VAL A 55 9.19 -18.58 -0.44
N ARG A 56 9.26 -19.59 0.42
CA ARG A 56 8.17 -20.57 0.54
C ARG A 56 6.91 -19.93 1.13
N TYR A 57 7.09 -19.10 2.15
CA TYR A 57 6.00 -18.35 2.80
C TYR A 57 5.32 -17.47 1.76
N LEU A 58 6.13 -16.73 1.00
CA LEU A 58 5.59 -15.83 -0.01
C LEU A 58 4.87 -16.62 -1.09
N ARG A 59 5.40 -17.80 -1.44
CA ARG A 59 4.76 -18.66 -2.44
C ARG A 59 3.38 -19.10 -1.96
N LYS A 60 3.29 -19.52 -0.70
CA LYS A 60 2.02 -19.91 -0.11
C LYS A 60 1.06 -18.71 -0.14
N MET A 61 1.54 -17.56 0.35
CA MET A 61 0.77 -16.32 0.42
C MET A 61 0.17 -15.97 -0.94
N MET A 62 1.00 -15.96 -1.98
CA MET A 62 0.57 -15.63 -3.34
C MET A 62 -0.56 -16.56 -3.83
N ASP A 63 -0.34 -17.87 -3.68
CA ASP A 63 -1.29 -18.90 -4.07
C ASP A 63 -2.60 -18.82 -3.30
N THR A 64 -2.53 -18.52 -2.01
CA THR A 64 -3.73 -18.45 -1.16
C THR A 64 -4.53 -17.19 -1.51
N THR A 65 -3.82 -16.11 -1.79
CA THR A 65 -4.50 -14.81 -1.98
C THR A 65 -4.93 -14.60 -3.42
N CYS A 66 -4.15 -15.07 -4.38
CA CYS A 66 -4.41 -14.82 -5.79
C CYS A 66 -5.23 -15.85 -6.52
N LEU A 67 -5.34 -17.06 -5.96
CA LEU A 67 -6.05 -18.17 -6.62
C LEU A 67 -7.30 -18.56 -5.86
N GLY A 68 -8.23 -19.23 -6.53
CA GLY A 68 -9.44 -19.73 -5.85
C GLY A 68 -10.71 -19.06 -6.30
N GLY A 69 -10.59 -17.86 -6.88
CA GLY A 69 -11.75 -17.17 -7.45
C GLY A 69 -12.13 -17.67 -8.82
N LYS A 70 -13.01 -16.94 -9.48
CA LYS A 70 -13.44 -17.24 -10.85
C LYS A 70 -12.64 -16.43 -11.88
N TYR A 71 -11.80 -15.54 -11.38
CA TYR A 71 -10.89 -14.75 -12.22
C TYR A 71 -11.65 -13.98 -13.29
N ASN A 72 -12.83 -13.45 -12.94
CA ASN A 72 -13.63 -12.71 -13.92
C ASN A 72 -12.92 -11.48 -14.45
N ARG A 73 -12.20 -10.78 -13.58
CA ARG A 73 -11.47 -9.58 -13.99
C ARG A 73 -10.36 -9.94 -14.98
N GLY A 74 -9.53 -10.92 -14.63
CA GLY A 74 -8.41 -11.29 -15.50
C GLY A 74 -8.82 -11.95 -16.80
N LEU A 75 -9.85 -12.81 -16.72
CA LEU A 75 -10.36 -13.49 -17.90
C LEU A 75 -11.00 -12.52 -18.88
N THR A 76 -11.60 -11.45 -18.37
CA THR A 76 -12.12 -10.37 -19.23
C THR A 76 -11.04 -9.71 -20.08
N VAL A 77 -9.85 -9.46 -19.51
CA VAL A 77 -8.74 -8.89 -20.29
C VAL A 77 -8.44 -9.81 -21.49
N ILE A 78 -8.33 -11.10 -21.21
CA ILE A 78 -8.07 -12.08 -22.26
C ILE A 78 -9.15 -12.03 -23.33
N ASP A 79 -10.42 -12.11 -22.91
CA ASP A 79 -11.54 -12.08 -23.86
C ASP A 79 -11.65 -10.82 -24.72
N VAL A 80 -11.39 -9.66 -24.13
CA VAL A 80 -11.40 -8.40 -24.88
C VAL A 80 -10.30 -8.46 -25.95
N ALA A 81 -9.12 -8.95 -25.57
CA ALA A 81 -7.98 -9.07 -26.47
C ALA A 81 -8.31 -10.00 -27.64
N GLU A 82 -8.82 -11.19 -27.34
CA GLU A 82 -9.17 -12.13 -28.39
C GLU A 82 -10.25 -11.61 -29.32
N SER A 83 -11.15 -10.79 -28.77
CA SER A 83 -12.22 -10.17 -29.56
C SER A 83 -11.74 -9.07 -30.52
N LEU A 84 -10.62 -8.44 -30.20
CA LEU A 84 -10.12 -7.31 -30.98
C LEU A 84 -8.98 -7.61 -31.97
N LEU A 85 -8.50 -8.85 -32.02
CA LEU A 85 -7.36 -9.12 -32.92
C LEU A 85 -7.77 -9.23 -34.41
N SER A 86 -7.92 -8.05 -35.02
CA SER A 86 -8.34 -7.85 -36.43
C SER A 86 -8.56 -6.36 -36.71
N LEU A 87 -9.35 -5.71 -35.86
CA LEU A 87 -9.65 -4.27 -36.02
C LEU A 87 -8.63 -3.42 -35.25
N ASP A 97 0.53 -11.81 -38.32
CA ASP A 97 1.09 -13.14 -38.18
C ASP A 97 0.74 -13.72 -36.80
N GLY A 98 0.61 -15.05 -36.73
CA GLY A 98 0.25 -15.76 -35.49
C GLY A 98 1.21 -15.51 -34.33
N ALA A 99 2.33 -14.86 -34.62
CA ALA A 99 3.24 -14.36 -33.60
C ALA A 99 2.59 -13.21 -32.82
N ARG A 100 1.88 -12.34 -33.53
CA ARG A 100 1.17 -11.21 -32.92
C ARG A 100 0.05 -11.68 -31.99
N ARG A 101 -0.71 -12.67 -32.45
CA ARG A 101 -1.77 -13.28 -31.64
C ARG A 101 -1.19 -13.87 -30.36
N LYS A 102 -0.07 -14.58 -30.48
CA LYS A 102 0.60 -15.19 -29.35
C LYS A 102 1.12 -14.13 -28.37
N ARG A 103 1.67 -13.05 -28.92
CA ARG A 103 2.20 -11.97 -28.11
C ARG A 103 1.08 -11.18 -27.42
N VAL A 104 0.06 -10.80 -28.18
CA VAL A 104 -1.07 -10.03 -27.65
C VAL A 104 -1.80 -10.82 -26.55
N LEU A 105 -2.07 -12.10 -26.78
CA LEU A 105 -2.75 -12.92 -25.76
C LEU A 105 -1.89 -13.17 -24.51
N HIS A 106 -0.58 -13.26 -24.69
CA HIS A 106 0.31 -13.35 -23.53
C HIS A 106 0.31 -12.01 -22.76
N ASP A 107 0.34 -10.90 -23.48
CA ASP A 107 0.25 -9.59 -22.86
C ASP A 107 -1.04 -9.50 -22.06
N ALA A 108 -2.16 -9.97 -22.63
CA ALA A 108 -3.45 -9.95 -21.96
C ALA A 108 -3.45 -10.77 -20.68
N CYS A 109 -2.80 -11.94 -20.74
CA CYS A 109 -2.65 -12.80 -19.58
C CYS A 109 -1.89 -12.11 -18.46
N VAL A 110 -0.83 -11.38 -18.80
CA VAL A 110 -0.06 -10.67 -17.77
C VAL A 110 -0.90 -9.56 -17.16
N CYS A 111 -1.51 -8.70 -18.00
CA CYS A 111 -2.48 -7.71 -17.55
C CYS A 111 -3.57 -8.29 -16.64
N GLY A 112 -4.12 -9.45 -17.03
CA GLY A 112 -5.12 -10.17 -16.25
C GLY A 112 -4.63 -10.56 -14.86
N TRP A 113 -3.40 -11.06 -14.75
CA TRP A 113 -2.79 -11.27 -13.44
C TRP A 113 -2.48 -9.98 -12.67
N MET A 114 -2.12 -8.91 -13.37
CA MET A 114 -2.00 -7.60 -12.66
C MET A 114 -3.27 -7.20 -11.93
N ILE A 115 -4.45 -7.31 -12.58
CA ILE A 115 -5.73 -7.00 -11.90
C ILE A 115 -6.08 -8.03 -10.83
N GLU A 116 -5.81 -9.30 -11.11
CA GLU A 116 -6.03 -10.37 -10.11
C GLU A 116 -5.13 -10.23 -8.89
N PHE A 117 -3.88 -9.83 -9.09
CA PHE A 117 -2.98 -9.49 -7.99
C PHE A 117 -3.41 -8.26 -7.19
N LEU A 118 -3.84 -7.20 -7.90
CA LEU A 118 -4.44 -6.00 -7.31
C LEU A 118 -5.65 -6.34 -6.45
N GLN A 119 -6.59 -7.12 -7.00
CA GLN A 119 -7.74 -7.55 -6.19
C GLN A 119 -7.32 -8.44 -5.03
N ALA A 120 -6.33 -9.29 -5.27
CA ALA A 120 -5.71 -10.04 -4.20
C ALA A 120 -5.30 -9.10 -3.05
N HIS A 121 -4.57 -8.04 -3.40
CA HIS A 121 -4.16 -6.99 -2.47
C HIS A 121 -5.37 -6.34 -1.79
N TYR A 122 -6.34 -5.87 -2.59
CA TYR A 122 -7.53 -5.22 -2.03
C TYR A 122 -8.21 -6.09 -0.98
N LEU A 123 -8.40 -7.37 -1.30
CA LEU A 123 -9.10 -8.30 -0.39
C LEU A 123 -8.33 -8.65 0.87
N VAL A 124 -7.00 -8.75 0.80
CA VAL A 124 -6.25 -9.01 2.03
C VAL A 124 -6.47 -7.84 3.03
N GLU A 125 -6.35 -6.62 2.52
CA GLU A 125 -6.45 -5.43 3.37
C GLU A 125 -7.90 -5.14 3.77
N ASP A 126 -8.83 -5.41 2.84
CA ASP A 126 -10.25 -5.19 3.09
C ASP A 126 -10.76 -6.13 4.18
N ASP A 127 -10.35 -7.39 4.14
CA ASP A 127 -10.80 -8.33 5.18
C ASP A 127 -10.34 -7.86 6.54
N ILE A 128 -9.13 -7.28 6.61
CA ILE A 128 -8.66 -6.67 7.86
C ILE A 128 -9.55 -5.51 8.28
N MET A 129 -9.73 -4.53 7.38
CA MET A 129 -10.59 -3.38 7.64
C MET A 129 -12.03 -3.75 8.05
N ASP A 130 -12.54 -4.88 7.53
CA ASP A 130 -13.94 -5.25 7.71
C ASP A 130 -14.15 -6.31 8.78
N ASN A 131 -13.06 -6.74 9.41
CA ASN A 131 -13.09 -7.78 10.42
C ASN A 131 -13.82 -9.03 9.91
N SER A 132 -13.46 -9.47 8.70
CA SER A 132 -14.05 -10.68 8.15
C SER A 132 -13.39 -11.95 8.69
N VAL A 133 -14.09 -13.07 8.57
CA VAL A 133 -13.62 -14.35 9.12
C VAL A 133 -13.06 -15.23 8.00
N THR A 134 -13.89 -15.48 6.99
CA THR A 134 -13.51 -16.34 5.88
C THR A 134 -13.53 -15.60 4.54
N ARG A 135 -12.93 -16.23 3.53
CA ARG A 135 -12.92 -15.74 2.17
C ARG A 135 -12.71 -16.96 1.26
N ARG A 136 -13.64 -17.19 0.34
CA ARG A 136 -13.66 -18.40 -0.48
C ARG A 136 -13.59 -19.70 0.36
N GLY A 137 -14.35 -19.75 1.44
CA GLY A 137 -14.41 -20.95 2.29
C GLY A 137 -13.12 -21.29 3.02
N LYS A 138 -12.18 -20.35 3.08
CA LYS A 138 -10.97 -20.50 3.88
C LYS A 138 -10.86 -19.34 4.82
N PRO A 139 -10.07 -19.47 5.90
CA PRO A 139 -9.84 -18.26 6.71
C PRO A 139 -9.33 -17.12 5.82
N CYS A 140 -9.68 -15.89 6.19
CA CYS A 140 -9.08 -14.69 5.60
C CYS A 140 -7.58 -14.75 5.84
N TRP A 141 -6.79 -14.16 4.94
CA TRP A 141 -5.33 -14.23 5.09
C TRP A 141 -4.90 -13.88 6.51
N TYR A 142 -5.33 -12.71 7.00
CA TYR A 142 -4.94 -12.25 8.33
C TYR A 142 -5.45 -13.15 9.45
N ARG A 143 -6.30 -14.12 9.09
CA ARG A 143 -6.92 -15.01 10.05
C ARG A 143 -6.26 -16.38 10.04
N HIS A 144 -5.26 -16.58 9.18
CA HIS A 144 -4.49 -17.83 9.20
C HIS A 144 -3.68 -17.93 10.51
N PRO A 145 -3.61 -19.15 11.10
CA PRO A 145 -2.82 -19.42 12.30
C PRO A 145 -1.41 -18.80 12.36
N ASP A 146 -0.61 -18.88 11.29
CA ASP A 146 0.75 -18.26 11.33
C ASP A 146 0.98 -17.01 10.50
N VAL A 147 -0.08 -16.25 10.30
CA VAL A 147 0.04 -14.94 9.74
C VAL A 147 -0.40 -14.00 10.84
N THR A 148 0.50 -13.10 11.23
CA THR A 148 0.16 -12.06 12.19
C THR A 148 -0.50 -10.95 11.39
N VAL A 149 -1.27 -10.11 12.08
CA VAL A 149 -1.98 -9.00 11.42
C VAL A 149 -0.98 -8.05 10.83
N GLN A 150 0.07 -7.74 11.58
CA GLN A 150 1.14 -6.92 11.05
C GLN A 150 1.81 -7.54 9.84
N CYS A 151 1.94 -8.88 9.77
CA CYS A 151 2.52 -9.46 8.56
C CYS A 151 1.51 -9.48 7.41
N ALA A 152 0.25 -9.75 7.71
CA ALA A 152 -0.84 -9.69 6.72
C ALA A 152 -0.92 -8.33 5.98
N ILE A 153 -0.80 -7.24 6.75
CA ILE A 153 -0.80 -5.88 6.14
C ILE A 153 0.35 -5.78 5.15
N ASN A 154 1.55 -6.19 5.59
CA ASN A 154 2.70 -6.18 4.71
C ASN A 154 2.57 -7.11 3.52
N ASP A 155 2.11 -8.34 3.74
CA ASP A 155 1.80 -9.28 2.64
C ASP A 155 0.86 -8.67 1.60
N GLY A 156 -0.25 -8.09 2.10
CA GLY A 156 -1.18 -7.38 1.28
C GLY A 156 -0.55 -6.35 0.35
N LEU A 157 0.43 -5.57 0.81
CA LEU A 157 1.04 -4.54 -0.09
C LEU A 157 2.10 -5.09 -1.00
N LEU A 158 2.72 -6.19 -0.59
CA LEU A 158 3.60 -6.94 -1.52
C LEU A 158 2.84 -7.39 -2.76
N LEU A 159 1.62 -7.89 -2.55
CA LEU A 159 0.76 -8.22 -3.69
C LEU A 159 0.63 -7.06 -4.71
N LYS A 160 0.49 -5.83 -4.22
CA LYS A 160 0.40 -4.68 -5.09
C LYS A 160 1.74 -4.31 -5.73
N SER A 161 2.81 -4.44 -4.95
CA SER A 161 4.15 -4.29 -5.46
C SER A 161 4.39 -5.25 -6.61
N TRP A 162 3.90 -6.49 -6.50
CA TRP A 162 4.06 -7.45 -7.59
C TRP A 162 3.38 -7.05 -8.90
N THR A 163 2.29 -6.29 -8.82
CA THR A 163 1.56 -5.86 -9.99
C THR A 163 2.44 -4.93 -10.84
N HIS A 164 3.23 -4.09 -10.19
CA HIS A 164 4.10 -3.16 -10.88
C HIS A 164 5.33 -3.90 -11.38
N MET A 165 5.89 -4.74 -10.52
CA MET A 165 7.09 -5.51 -10.86
C MET A 165 6.85 -6.43 -12.07
N MET A 166 5.65 -6.99 -12.19
CA MET A 166 5.37 -7.89 -13.30
C MET A 166 5.21 -7.11 -14.59
N ALA A 167 4.57 -5.94 -14.49
CA ALA A 167 4.42 -5.05 -15.65
C ALA A 167 5.77 -4.62 -16.19
N MET A 168 6.68 -4.24 -15.28
CA MET A 168 7.98 -3.70 -15.71
C MET A 168 8.83 -4.77 -16.36
N HIS A 169 8.67 -6.01 -15.91
CA HIS A 169 9.42 -7.12 -16.47
C HIS A 169 8.89 -7.61 -17.82
N PHE A 170 7.62 -7.94 -17.87
CA PHE A 170 7.04 -8.52 -19.08
C PHE A 170 6.84 -7.48 -20.17
N PHE A 171 6.61 -6.22 -19.77
CA PHE A 171 6.27 -5.16 -20.74
C PHE A 171 7.39 -4.12 -20.95
N ALA A 172 8.60 -4.47 -20.53
CA ALA A 172 9.73 -3.54 -20.58
C ALA A 172 9.95 -2.88 -21.95
N ASP A 173 9.76 -3.64 -23.02
CA ASP A 173 9.98 -3.11 -24.38
C ASP A 173 8.70 -2.81 -25.14
N ARG A 174 7.57 -2.81 -24.44
CA ARG A 174 6.30 -2.54 -25.11
C ARG A 174 6.01 -1.04 -25.00
N PRO A 175 5.74 -0.36 -26.14
CA PRO A 175 5.43 1.07 -26.19
C PRO A 175 4.22 1.51 -25.36
N PHE A 176 3.29 0.59 -25.11
CA PHE A 176 2.11 0.92 -24.31
C PHE A 176 2.40 0.97 -22.79
N LEU A 177 3.64 0.67 -22.42
CA LEU A 177 4.00 0.48 -21.01
C LEU A 177 3.63 1.68 -20.17
N GLN A 178 4.04 2.87 -20.60
CA GLN A 178 3.78 4.08 -19.82
C GLN A 178 2.29 4.33 -19.64
N ASP A 179 1.52 4.27 -20.72
CA ASP A 179 0.08 4.53 -20.70
C ASP A 179 -0.62 3.55 -19.74
N LEU A 180 -0.27 2.26 -19.89
CA LEU A 180 -0.77 1.17 -19.06
C LEU A 180 -0.57 1.46 -17.57
N LEU A 181 0.67 1.72 -17.17
CA LEU A 181 1.00 2.06 -15.78
C LEU A 181 0.23 3.27 -15.26
N CYS A 182 0.17 4.31 -16.08
CA CYS A 182 -0.54 5.53 -15.73
C CYS A 182 -2.02 5.20 -15.43
N ARG A 183 -2.70 4.59 -16.39
CA ARG A 183 -4.12 4.24 -16.23
C ARG A 183 -4.35 3.30 -15.03
N PHE A 184 -3.48 2.30 -14.90
CA PHE A 184 -3.58 1.30 -13.81
C PHE A 184 -3.49 2.01 -12.45
N ASN A 185 -2.52 2.93 -12.32
CA ASN A 185 -2.34 3.66 -11.08
C ASN A 185 -3.50 4.58 -10.71
N ARG A 186 -4.05 5.25 -11.71
CA ARG A 186 -5.23 6.10 -11.49
C ARG A 186 -6.41 5.29 -10.97
N VAL A 187 -6.60 4.11 -11.53
CA VAL A 187 -7.72 3.24 -11.11
C VAL A 187 -7.52 2.74 -9.68
N ASP A 188 -6.28 2.37 -9.39
CA ASP A 188 -5.90 1.95 -8.04
C ASP A 188 -6.20 3.08 -7.02
N TYR A 189 -5.70 4.28 -7.32
CA TYR A 189 -6.00 5.48 -6.53
C TYR A 189 -7.50 5.72 -6.36
N THR A 190 -8.22 5.66 -7.46
CA THR A 190 -9.67 5.75 -7.43
C THR A 190 -10.32 4.75 -6.44
N THR A 191 -9.80 3.54 -6.43
CA THR A 191 -10.33 2.47 -5.58
C THR A 191 -10.04 2.79 -4.11
N ALA A 192 -8.82 3.26 -3.80
CA ALA A 192 -8.46 3.63 -2.43
C ALA A 192 -9.29 4.83 -1.93
N VAL A 193 -9.62 5.75 -2.82
CA VAL A 193 -10.55 6.83 -2.46
C VAL A 193 -11.94 6.26 -2.12
N GLY A 194 -12.44 5.36 -2.95
CA GLY A 194 -13.71 4.67 -2.66
C GLY A 194 -13.73 3.90 -1.35
N GLN A 195 -12.60 3.30 -0.99
CA GLN A 195 -12.46 2.58 0.28
C GLN A 195 -12.57 3.56 1.45
N LEU A 196 -12.01 4.76 1.28
CA LEU A 196 -12.20 5.82 2.25
C LEU A 196 -13.67 6.18 2.42
N TYR A 197 -14.40 6.30 1.32
CA TYR A 197 -15.85 6.55 1.34
C TYR A 197 -16.59 5.44 2.11
N ASP A 198 -16.19 4.20 1.87
CA ASP A 198 -16.80 3.01 2.49
C ASP A 198 -16.57 2.98 4.00
N VAL A 199 -15.31 3.14 4.37
CA VAL A 199 -14.87 3.01 5.73
C VAL A 199 -15.25 4.20 6.62
N THR A 200 -15.58 5.35 6.02
CA THR A 200 -16.06 6.50 6.79
C THR A 200 -17.55 6.80 6.62
N SER A 201 -18.31 5.88 6.04
CA SER A 201 -19.73 6.14 5.71
C SER A 201 -20.70 6.09 6.88
N MET A 202 -20.28 5.47 7.98
CA MET A 202 -21.13 5.32 9.16
C MET A 202 -20.78 6.30 10.28
N PHE A 203 -19.88 7.24 9.97
CA PHE A 203 -19.60 8.38 10.84
C PHE A 203 -20.16 9.65 10.20
N ASP A 204 -20.69 10.55 11.02
CA ASP A 204 -21.24 11.82 10.54
C ASP A 204 -20.08 12.64 10.02
N SER A 205 -20.05 12.89 8.72
CA SER A 205 -18.88 13.54 8.10
C SER A 205 -18.65 14.99 8.52
N ASN A 206 -19.68 15.64 9.06
CA ASN A 206 -19.52 16.98 9.66
C ASN A 206 -18.66 16.91 10.91
N LYS A 207 -18.74 15.79 11.61
CA LYS A 207 -17.97 15.57 12.85
C LYS A 207 -16.63 14.87 12.62
N LEU A 208 -16.28 14.64 11.37
CA LEU A 208 -15.00 14.02 11.01
C LEU A 208 -13.83 14.90 11.44
N ASP A 209 -13.03 14.39 12.37
CA ASP A 209 -11.95 15.17 12.98
C ASP A 209 -10.99 14.24 13.68
N PRO A 210 -9.72 14.16 13.19
CA PRO A 210 -8.72 13.25 13.75
C PRO A 210 -8.58 13.36 15.28
N ASP A 211 -8.81 14.56 15.82
CA ASP A 211 -8.55 14.82 17.23
C ASP A 211 -9.65 14.38 18.20
N VAL A 212 -10.85 14.13 17.70
CA VAL A 212 -12.01 13.88 18.57
C VAL A 212 -12.66 12.54 18.28
N SER A 213 -12.85 11.69 19.28
CA SER A 213 -13.54 10.42 19.02
C SER A 213 -15.01 10.65 18.70
N GLN A 214 -15.54 9.87 17.76
CA GLN A 214 -16.93 9.96 17.36
C GLN A 214 -17.53 8.57 17.17
N PRO A 215 -18.69 8.31 17.80
CA PRO A 215 -19.30 7.01 17.62
C PRO A 215 -19.99 6.90 16.27
N THR A 216 -20.38 5.67 15.91
CA THR A 216 -21.22 5.40 14.75
C THR A 216 -22.39 6.39 14.70
N THR A 217 -22.77 6.79 13.49
CA THR A 217 -23.90 7.71 13.28
C THR A 217 -25.16 7.18 13.95
N THR A 218 -25.95 8.08 14.54
CA THR A 218 -27.22 7.68 15.16
C THR A 218 -28.44 8.09 14.34
N ASP A 219 -28.30 9.17 13.56
CA ASP A 219 -29.38 9.64 12.70
C ASP A 219 -29.38 9.02 11.28
N PHE A 220 -28.23 8.52 10.84
CA PHE A 220 -28.06 7.88 9.51
C PHE A 220 -28.41 8.81 8.34
N ALA A 221 -28.29 10.10 8.56
CA ALA A 221 -28.72 11.09 7.56
C ALA A 221 -27.87 11.06 6.28
N GLU A 222 -26.75 10.36 6.33
CA GLU A 222 -25.83 10.27 5.18
C GLU A 222 -25.96 8.96 4.42
N PHE A 223 -26.77 8.06 4.97
CA PHE A 223 -27.07 6.79 4.32
C PHE A 223 -28.09 7.01 3.21
N THR A 224 -27.66 7.73 2.18
CA THR A 224 -28.52 8.07 1.08
C THR A 224 -28.10 7.28 -0.14
N LEU A 225 -29.00 7.18 -1.11
CA LEU A 225 -28.67 6.54 -2.37
C LEU A 225 -27.55 7.30 -3.08
N SER A 226 -27.57 8.63 -3.04
CA SER A 226 -26.53 9.44 -3.70
C SER A 226 -25.16 9.13 -3.13
N ASN A 227 -25.11 8.96 -1.81
CA ASN A 227 -23.89 8.59 -1.11
C ASN A 227 -23.47 7.15 -1.34
N TYR A 228 -24.45 6.24 -1.36
CA TYR A 228 -24.18 4.87 -1.75
C TYR A 228 -23.57 4.78 -3.15
N LYS A 229 -24.20 5.44 -4.12
CA LYS A 229 -23.70 5.38 -5.50
C LYS A 229 -22.26 5.86 -5.64
N ARG A 230 -21.86 6.82 -4.82
CA ARG A 230 -20.50 7.31 -4.81
C ARG A 230 -19.52 6.30 -4.24
N ILE A 231 -19.86 5.68 -3.10
CA ILE A 231 -18.95 4.69 -2.49
C ILE A 231 -18.60 3.63 -3.51
N VAL A 232 -19.65 3.07 -4.09
CA VAL A 232 -19.63 1.91 -4.91
C VAL A 232 -18.99 2.22 -6.30
N LYS A 233 -19.24 3.41 -6.84
CA LYS A 233 -18.59 3.83 -8.08
C LYS A 233 -17.05 3.77 -7.94
N TYR A 234 -16.55 4.39 -6.88
CA TYR A 234 -15.12 4.54 -6.68
C TYR A 234 -14.44 3.23 -6.20
N LYS A 235 -15.04 2.59 -5.20
CA LYS A 235 -14.45 1.38 -4.61
C LYS A 235 -14.59 0.10 -5.41
N THR A 236 -15.50 0.07 -6.38
CA THR A 236 -15.74 -1.17 -7.12
C THR A 236 -15.69 -1.10 -8.65
N ALA A 237 -16.43 -0.14 -9.21
CA ALA A 237 -16.69 -0.05 -10.65
C ALA A 237 -15.47 0.14 -11.54
N TYR A 238 -14.59 1.10 -11.20
CA TYR A 238 -13.40 1.34 -11.99
C TYR A 238 -12.47 0.14 -12.15
N TYR A 239 -12.17 -0.53 -11.05
CA TYR A 239 -11.22 -1.66 -11.06
C TYR A 239 -11.88 -2.98 -11.46
N THR A 240 -13.18 -3.11 -11.22
CA THR A 240 -13.87 -4.35 -11.55
C THR A 240 -14.32 -4.41 -13.01
N TYR A 241 -14.71 -3.25 -13.55
CA TYR A 241 -15.26 -3.16 -14.92
C TYR A 241 -14.44 -2.32 -15.92
N LEU A 242 -14.08 -1.08 -15.57
CA LEU A 242 -13.37 -0.22 -16.53
C LEU A 242 -11.99 -0.78 -16.82
N LEU A 243 -11.25 -1.08 -15.76
CA LEU A 243 -9.85 -1.51 -15.89
C LEU A 243 -9.62 -2.71 -16.80
N PRO A 244 -10.37 -3.83 -16.58
CA PRO A 244 -10.19 -4.99 -17.46
C PRO A 244 -10.47 -4.69 -18.93
N LEU A 245 -11.52 -3.94 -19.20
CA LEU A 245 -11.85 -3.54 -20.56
C LEU A 245 -10.74 -2.68 -21.13
N VAL A 246 -10.26 -1.73 -20.34
CA VAL A 246 -9.24 -0.79 -20.81
C VAL A 246 -7.93 -1.53 -21.08
N MET A 247 -7.53 -2.42 -20.17
CA MET A 247 -6.29 -3.20 -20.34
C MET A 247 -6.39 -4.12 -21.57
N GLY A 248 -7.56 -4.72 -21.76
CA GLY A 248 -7.83 -5.56 -22.93
C GLY A 248 -7.61 -4.76 -24.21
N LEU A 249 -8.09 -3.52 -24.23
CA LEU A 249 -7.93 -2.60 -25.38
C LEU A 249 -6.47 -2.13 -25.60
N ILE A 250 -5.71 -2.01 -24.52
CA ILE A 250 -4.33 -1.56 -24.59
C ILE A 250 -3.41 -2.59 -25.23
N VAL A 251 -3.51 -3.86 -24.81
CA VAL A 251 -2.67 -4.91 -25.36
C VAL A 251 -3.01 -5.23 -26.82
N SER A 252 -4.21 -4.84 -27.23
CA SER A 252 -4.70 -4.95 -28.61
C SER A 252 -4.31 -3.76 -29.46
N GLU A 253 -3.78 -2.70 -28.83
CA GLU A 253 -3.44 -1.47 -29.53
C GLU A 253 -4.71 -0.90 -30.20
N ALA A 254 -5.83 -1.04 -29.50
CA ALA A 254 -7.15 -0.68 -30.04
C ALA A 254 -7.91 0.39 -29.24
N LEU A 255 -7.28 1.00 -28.24
CA LEU A 255 -8.02 1.90 -27.34
C LEU A 255 -8.77 3.04 -28.03
N PRO A 256 -8.09 3.84 -28.89
CA PRO A 256 -8.76 4.99 -29.50
C PRO A 256 -9.81 4.63 -30.55
N THR A 257 -10.11 3.35 -30.72
CA THR A 257 -11.10 2.91 -31.69
C THR A 257 -12.51 2.80 -31.09
N VAL A 258 -12.60 2.84 -29.76
CA VAL A 258 -13.90 2.73 -29.10
C VAL A 258 -14.43 4.04 -28.54
N ASP A 259 -15.76 4.14 -28.46
CA ASP A 259 -16.40 5.24 -27.74
C ASP A 259 -16.15 5.04 -26.25
N MET A 260 -15.20 5.80 -25.71
CA MET A 260 -14.80 5.72 -24.31
C MET A 260 -15.83 6.40 -23.39
N GLY A 261 -16.64 7.28 -23.96
CA GLY A 261 -17.76 7.87 -23.23
C GLY A 261 -18.76 6.80 -22.84
N VAL A 262 -19.09 5.96 -23.83
CA VAL A 262 -20.06 4.89 -23.67
C VAL A 262 -19.47 3.76 -22.82
N THR A 263 -18.21 3.40 -23.09
CA THR A 263 -17.51 2.39 -22.30
C THR A 263 -17.54 2.68 -20.80
N GLU A 264 -17.26 3.92 -20.42
CA GLU A 264 -17.25 4.29 -19.01
C GLU A 264 -18.64 4.28 -18.38
N GLU A 265 -19.63 4.78 -19.12
CA GLU A 265 -21.02 4.66 -18.72
C GLU A 265 -21.40 3.22 -18.40
N LEU A 266 -21.09 2.34 -19.35
CA LEU A 266 -21.34 0.92 -19.19
C LEU A 266 -20.63 0.33 -17.97
N ALA A 267 -19.35 0.66 -17.81
CA ALA A 267 -18.54 0.17 -16.68
C ALA A 267 -19.07 0.63 -15.32
N MET A 268 -19.52 1.89 -15.26
CA MET A 268 -20.11 2.46 -14.04
C MET A 268 -21.43 1.79 -13.70
N LEU A 269 -22.27 1.57 -14.72
CA LEU A 269 -23.55 0.89 -14.52
C LEU A 269 -23.41 -0.58 -14.08
N MET A 270 -22.56 -1.34 -14.77
CA MET A 270 -22.35 -2.75 -14.40
C MET A 270 -21.69 -2.86 -13.03
N GLY A 271 -20.70 -1.99 -12.81
CA GLY A 271 -19.98 -1.91 -11.55
C GLY A 271 -20.88 -1.60 -10.35
N GLU A 272 -21.78 -0.63 -10.52
CA GLU A 272 -22.74 -0.33 -9.45
C GLU A 272 -23.60 -1.57 -9.15
N TYR A 273 -24.17 -2.13 -10.22
CA TYR A 273 -25.05 -3.27 -10.07
C TYR A 273 -24.36 -4.46 -9.43
N PHE A 274 -23.10 -4.68 -9.81
CA PHE A 274 -22.27 -5.74 -9.21
C PHE A 274 -22.17 -5.58 -7.70
N GLN A 275 -21.99 -4.34 -7.23
CA GLN A 275 -21.85 -4.10 -5.81
C GLN A 275 -23.16 -4.18 -5.07
N VAL A 276 -24.25 -3.79 -5.72
CA VAL A 276 -25.60 -4.01 -5.16
C VAL A 276 -25.78 -5.51 -4.96
N GLN A 277 -25.49 -6.29 -5.98
CA GLN A 277 -25.47 -7.76 -5.88
C GLN A 277 -24.63 -8.27 -4.69
N ASP A 278 -23.39 -7.80 -4.57
CA ASP A 278 -22.51 -8.17 -3.46
C ASP A 278 -23.13 -7.85 -2.09
N ASP A 279 -23.71 -6.66 -1.97
CA ASP A 279 -24.38 -6.22 -0.76
C ASP A 279 -25.59 -7.07 -0.42
N VAL A 280 -26.40 -7.38 -1.43
CA VAL A 280 -27.59 -8.22 -1.22
C VAL A 280 -27.17 -9.61 -0.77
N MET A 281 -26.21 -10.20 -1.46
CA MET A 281 -25.70 -11.53 -1.12
C MET A 281 -25.08 -11.61 0.27
N ASP A 282 -24.49 -10.50 0.72
CA ASP A 282 -23.89 -10.40 2.04
C ASP A 282 -24.90 -10.74 3.14
N CYS A 283 -26.13 -10.29 2.93
CA CYS A 283 -27.21 -10.46 3.89
C CYS A 283 -27.97 -11.75 3.64
N PHE A 284 -28.23 -12.07 2.37
CA PHE A 284 -29.21 -13.10 2.05
C PHE A 284 -28.69 -14.43 1.51
N THR A 285 -27.46 -14.45 1.01
CA THR A 285 -26.92 -15.68 0.43
C THR A 285 -26.20 -16.54 1.47
N PRO A 286 -26.66 -17.80 1.62
CA PRO A 286 -25.99 -18.81 2.44
C PRO A 286 -24.48 -18.72 2.30
N PRO A 287 -23.74 -18.50 3.43
CA PRO A 287 -22.28 -18.39 3.45
C PRO A 287 -21.55 -19.54 2.77
N GLU A 288 -22.10 -20.75 2.87
CA GLU A 288 -21.53 -21.94 2.24
C GLU A 288 -21.47 -21.83 0.72
N ARG A 289 -22.41 -21.10 0.12
CA ARG A 289 -22.38 -20.86 -1.34
C ARG A 289 -21.55 -19.63 -1.67
N LEU A 290 -21.61 -18.64 -0.79
CA LEU A 290 -20.86 -17.40 -0.97
C LEU A 290 -19.36 -17.64 -0.71
N GLY A 291 -19.05 -18.49 0.27
CA GLY A 291 -17.66 -18.79 0.64
C GLY A 291 -17.12 -17.87 1.70
N LYS A 292 -17.97 -16.96 2.16
CA LYS A 292 -17.57 -15.92 3.11
C LYS A 292 -18.74 -15.53 3.99
N VAL A 293 -18.44 -15.18 5.24
CA VAL A 293 -19.48 -14.75 6.17
C VAL A 293 -19.69 -13.23 6.02
N GLY A 294 -20.96 -12.83 5.99
CA GLY A 294 -21.34 -11.43 5.88
C GLY A 294 -21.07 -10.63 7.14
N THR A 295 -20.60 -9.39 6.96
CA THR A 295 -20.27 -8.50 8.07
C THR A 295 -20.89 -7.10 7.95
N ASP A 296 -21.51 -6.77 6.81
CA ASP A 296 -22.05 -5.40 6.55
C ASP A 296 -22.97 -4.86 7.65
N ILE A 297 -23.85 -5.71 8.15
CA ILE A 297 -24.74 -5.30 9.26
C ILE A 297 -23.92 -4.97 10.51
N GLN A 298 -23.13 -5.94 10.96
CA GLN A 298 -22.24 -5.79 12.12
C GLN A 298 -21.29 -4.58 12.01
N ASP A 299 -20.80 -4.35 10.81
CA ASP A 299 -19.86 -3.25 10.54
C ASP A 299 -20.58 -1.96 10.25
N ALA A 300 -21.91 -2.01 10.32
CA ALA A 300 -22.78 -0.87 10.07
C ALA A 300 -22.46 -0.19 8.74
N LYS A 301 -22.33 -0.97 7.67
CA LYS A 301 -21.97 -0.43 6.35
C LYS A 301 -23.13 0.31 5.64
N CYS A 302 -22.81 1.35 4.86
CA CYS A 302 -23.79 2.00 3.99
C CYS A 302 -24.03 1.10 2.76
N SER A 303 -24.72 -0.02 2.97
CA SER A 303 -25.04 -0.94 1.88
C SER A 303 -26.24 -0.48 1.06
N TRP A 304 -26.46 -1.18 -0.07
CA TRP A 304 -27.64 -0.92 -0.89
C TRP A 304 -28.92 -1.13 -0.08
N LEU A 305 -28.96 -2.23 0.66
CA LEU A 305 -30.10 -2.61 1.46
C LEU A 305 -30.42 -1.58 2.52
N ALA A 306 -29.39 -1.08 3.20
CA ALA A 306 -29.56 -0.07 4.22
C ALA A 306 -30.12 1.23 3.63
N VAL A 307 -29.50 1.74 2.57
CA VAL A 307 -29.97 3.00 1.98
C VAL A 307 -31.41 2.89 1.47
N THR A 308 -31.71 1.82 0.74
CA THR A 308 -33.02 1.63 0.13
C THR A 308 -34.12 1.40 1.18
N PHE A 309 -33.80 0.67 2.24
CA PHE A 309 -34.73 0.46 3.35
C PHE A 309 -35.03 1.76 4.08
N LEU A 310 -33.99 2.51 4.45
CA LEU A 310 -34.18 3.78 5.14
C LEU A 310 -34.94 4.84 4.32
N ALA A 311 -34.74 4.87 3.00
CA ALA A 311 -35.46 5.79 2.14
C ALA A 311 -37.00 5.58 2.13
N LYS A 312 -37.44 4.35 2.39
CA LYS A 312 -38.85 3.97 2.27
C LYS A 312 -39.52 3.58 3.61
N ALA A 313 -38.71 3.40 4.65
CA ALA A 313 -39.19 2.86 5.92
C ALA A 313 -40.09 3.86 6.68
N SER A 314 -41.02 3.32 7.46
CA SER A 314 -41.80 4.11 8.39
C SER A 314 -40.89 4.54 9.53
N SER A 315 -41.28 5.58 10.26
CA SER A 315 -40.53 6.00 11.45
C SER A 315 -40.33 4.85 12.44
N ALA A 316 -41.35 4.02 12.58
CA ALA A 316 -41.29 2.87 13.48
C ALA A 316 -40.21 1.89 13.02
N GLN A 317 -40.15 1.63 11.73
CA GLN A 317 -39.16 0.71 11.19
C GLN A 317 -37.74 1.27 11.29
N VAL A 318 -37.61 2.57 11.06
CA VAL A 318 -36.32 3.26 11.21
C VAL A 318 -35.84 3.20 12.67
N ALA A 319 -36.77 3.41 13.61
CA ALA A 319 -36.42 3.34 15.03
C ALA A 319 -35.84 1.95 15.39
N GLU A 320 -36.52 0.89 14.94
CA GLU A 320 -36.09 -0.48 15.21
C GLU A 320 -34.71 -0.86 14.57
N PHE A 321 -34.51 -0.43 13.33
CA PHE A 321 -33.23 -0.52 12.60
C PHE A 321 -32.10 0.12 13.40
N LYS A 322 -32.28 1.39 13.74
CA LYS A 322 -31.32 2.15 14.55
C LYS A 322 -31.00 1.42 15.84
N ALA A 323 -32.01 0.77 16.43
CA ALA A 323 -31.83 0.04 17.68
C ALA A 323 -31.03 -1.25 17.50
N ASN A 324 -30.91 -1.71 16.26
CA ASN A 324 -30.33 -3.02 15.98
C ASN A 324 -29.09 -3.05 15.06
N TYR A 325 -28.81 -1.93 14.40
CA TYR A 325 -27.79 -1.93 13.36
C TYR A 325 -26.38 -1.70 13.90
N GLY A 326 -25.41 -2.45 13.35
CA GLY A 326 -24.01 -2.21 13.67
C GLY A 326 -23.57 -2.83 14.98
N SER A 327 -24.16 -3.98 15.28
CA SER A 327 -23.81 -4.74 16.47
C SER A 327 -23.55 -6.19 16.06
N GLY A 328 -22.61 -6.83 16.78
CA GLY A 328 -22.27 -8.22 16.50
C GLY A 328 -23.33 -9.20 16.99
N ASP A 329 -24.17 -8.74 17.92
CA ASP A 329 -25.21 -9.56 18.55
C ASP A 329 -26.13 -10.17 17.49
N SER A 330 -26.24 -11.50 17.49
CA SER A 330 -26.88 -12.25 16.38
C SER A 330 -28.39 -12.06 16.22
N GLU A 331 -29.08 -11.74 17.31
CA GLU A 331 -30.53 -11.47 17.24
C GLU A 331 -30.78 -10.08 16.64
N LYS A 332 -29.99 -9.10 17.06
CA LYS A 332 -29.98 -7.76 16.46
C LYS A 332 -29.77 -7.88 14.95
N VAL A 333 -28.78 -8.66 14.54
CA VAL A 333 -28.51 -8.94 13.12
C VAL A 333 -29.73 -9.55 12.40
N ALA A 334 -30.36 -10.55 13.02
CA ALA A 334 -31.58 -11.17 12.49
C ALA A 334 -32.76 -10.20 12.42
N THR A 335 -32.80 -9.25 13.36
CA THR A 335 -33.80 -8.17 13.37
C THR A 335 -33.67 -7.32 12.10
N VAL A 336 -32.45 -6.83 11.84
CA VAL A 336 -32.17 -6.06 10.62
C VAL A 336 -32.61 -6.86 9.39
N ARG A 337 -32.22 -8.13 9.32
CA ARG A 337 -32.59 -9.03 8.22
C ARG A 337 -34.11 -9.11 8.02
N ARG A 338 -34.82 -9.31 9.12
CA ARG A 338 -36.30 -9.32 9.15
C ARG A 338 -36.89 -8.02 8.61
N LEU A 339 -36.39 -6.89 9.10
CA LEU A 339 -36.81 -5.57 8.61
C LEU A 339 -36.67 -5.45 7.10
N TYR A 340 -35.52 -5.89 6.58
CA TYR A 340 -35.25 -5.91 5.14
C TYR A 340 -36.29 -6.69 4.32
N GLU A 341 -36.63 -7.91 4.76
CA GLU A 341 -37.63 -8.69 4.03
C GLU A 341 -39.06 -8.19 4.28
N GLU A 342 -39.29 -7.61 5.46
CA GLU A 342 -40.56 -6.97 5.79
C GLU A 342 -40.88 -5.77 4.88
N ALA A 343 -39.85 -5.01 4.49
CA ALA A 343 -40.02 -3.82 3.65
C ALA A 343 -39.94 -4.09 2.15
N ASP A 344 -40.02 -5.36 1.76
CA ASP A 344 -40.01 -5.78 0.36
C ASP A 344 -38.80 -5.23 -0.42
N LEU A 345 -37.62 -5.44 0.15
CA LEU A 345 -36.37 -5.02 -0.50
C LEU A 345 -36.08 -5.85 -1.75
N GLN A 346 -36.32 -7.17 -1.68
CA GLN A 346 -36.12 -8.04 -2.84
C GLN A 346 -37.01 -7.62 -4.03
N GLY A 347 -38.15 -7.00 -3.72
CA GLY A 347 -39.02 -6.45 -4.75
C GLY A 347 -38.36 -5.25 -5.41
N ASP A 348 -37.75 -4.38 -4.60
CA ASP A 348 -37.02 -3.23 -5.10
C ASP A 348 -35.79 -3.66 -5.90
N TYR A 349 -35.18 -4.77 -5.50
CA TYR A 349 -33.99 -5.29 -6.17
C TYR A 349 -34.29 -5.77 -7.60
N VAL A 350 -35.36 -6.55 -7.73
CA VAL A 350 -35.82 -7.05 -9.04
C VAL A 350 -36.07 -5.89 -10.02
N ALA A 351 -36.70 -4.84 -9.52
CA ALA A 351 -37.03 -3.66 -10.33
C ALA A 351 -35.78 -2.84 -10.69
N TYR A 352 -34.80 -2.82 -9.80
CA TYR A 352 -33.54 -2.14 -10.06
C TYR A 352 -32.74 -2.90 -11.14
N GLU A 353 -32.68 -4.22 -10.98
CA GLU A 353 -31.98 -5.11 -11.89
C GLU A 353 -32.51 -4.99 -13.33
N ALA A 354 -33.83 -4.87 -13.47
CA ALA A 354 -34.47 -4.70 -14.76
C ALA A 354 -34.18 -3.32 -15.34
N ALA A 355 -34.19 -2.30 -14.49
CA ALA A 355 -33.81 -0.97 -14.97
C ALA A 355 -32.35 -0.95 -15.43
N VAL A 356 -31.48 -1.63 -14.70
CA VAL A 356 -30.07 -1.75 -15.08
C VAL A 356 -29.93 -2.47 -16.42
N ALA A 357 -30.51 -3.67 -16.53
CA ALA A 357 -30.43 -4.48 -17.76
C ALA A 357 -30.85 -3.67 -18.98
N GLU A 358 -31.97 -2.96 -18.84
CA GLU A 358 -32.49 -2.02 -19.84
C GLU A 358 -31.43 -1.03 -20.33
N GLN A 359 -30.75 -0.36 -19.40
CA GLN A 359 -29.74 0.65 -19.75
C GLN A 359 -28.49 0.02 -20.32
N VAL A 360 -28.11 -1.14 -19.79
CA VAL A 360 -26.93 -1.88 -20.26
C VAL A 360 -27.14 -2.31 -21.72
N LYS A 361 -28.32 -2.85 -22.03
CA LYS A 361 -28.66 -3.32 -23.38
C LYS A 361 -28.58 -2.19 -24.41
N GLU A 362 -29.10 -1.02 -24.06
CA GLU A 362 -29.04 0.19 -24.89
C GLU A 362 -27.61 0.64 -25.18
N LEU A 363 -26.79 0.72 -24.13
CA LEU A 363 -25.42 1.19 -24.29
C LEU A 363 -24.56 0.24 -25.12
N ILE A 364 -24.76 -1.07 -24.96
CA ILE A 364 -24.05 -2.07 -25.75
C ILE A 364 -24.36 -1.90 -27.25
N GLU A 365 -25.62 -1.63 -27.55
CA GLU A 365 -26.00 -1.41 -28.95
C GLU A 365 -25.39 -0.12 -29.48
N LYS A 366 -25.34 0.94 -28.66
CA LYS A 366 -24.63 2.17 -29.03
C LYS A 366 -23.16 1.89 -29.32
N LEU A 367 -22.60 0.93 -28.59
CA LEU A 367 -21.21 0.52 -28.74
C LEU A 367 -21.02 -0.35 -29.98
N ARG A 368 -22.00 -1.22 -30.23
CA ARG A 368 -22.00 -2.14 -31.37
C ARG A 368 -21.82 -1.44 -32.71
N LEU A 369 -22.39 -0.23 -32.83
CA LEU A 369 -22.35 0.56 -34.04
C LEU A 369 -20.94 0.73 -34.62
N CYS A 370 -19.99 1.10 -33.76
CA CYS A 370 -18.62 1.39 -34.19
C CYS A 370 -17.54 0.41 -33.68
N SER A 371 -17.92 -0.46 -32.73
CA SER A 371 -16.99 -1.44 -32.14
C SER A 371 -17.68 -2.79 -31.87
N PRO A 372 -18.05 -3.53 -32.92
CA PRO A 372 -18.86 -4.73 -32.73
C PRO A 372 -18.17 -5.88 -31.98
N GLY A 373 -16.85 -6.02 -32.17
CA GLY A 373 -16.09 -7.05 -31.47
C GLY A 373 -15.89 -6.70 -30.01
N PHE A 374 -15.67 -5.42 -29.73
CA PHE A 374 -15.55 -4.94 -28.36
C PHE A 374 -16.90 -5.03 -27.66
N ALA A 375 -17.94 -4.54 -28.33
CA ALA A 375 -19.31 -4.63 -27.82
C ALA A 375 -19.68 -6.07 -27.47
N ALA A 376 -19.23 -7.02 -28.29
CA ALA A 376 -19.43 -8.44 -28.01
C ALA A 376 -18.79 -8.85 -26.69
N SER A 377 -17.58 -8.37 -26.41
CA SER A 377 -16.90 -8.76 -25.17
C SER A 377 -17.51 -8.13 -23.91
N VAL A 378 -18.06 -6.92 -24.07
CA VAL A 378 -18.81 -6.25 -22.99
C VAL A 378 -20.09 -7.04 -22.69
N GLU A 379 -20.76 -7.49 -23.75
CA GLU A 379 -21.93 -8.37 -23.59
C GLU A 379 -21.56 -9.65 -22.82
N THR A 380 -20.43 -10.24 -23.15
CA THR A 380 -19.96 -11.44 -22.43
C THR A 380 -19.68 -11.13 -20.95
N LEU A 381 -19.07 -9.99 -20.68
CA LEU A 381 -18.80 -9.56 -19.31
C LEU A 381 -20.12 -9.31 -18.58
N TRP A 382 -21.07 -8.70 -19.27
CA TRP A 382 -22.41 -8.49 -18.73
C TRP A 382 -23.07 -9.83 -18.41
N GLY A 383 -22.92 -10.81 -19.31
CA GLY A 383 -23.44 -12.17 -19.08
C GLY A 383 -22.87 -12.84 -17.85
N LYS A 384 -21.65 -12.48 -17.46
CA LYS A 384 -21.06 -13.03 -16.24
C LYS A 384 -21.58 -12.33 -14.98
N THR A 385 -22.27 -11.21 -15.18
CA THR A 385 -22.70 -10.33 -14.09
C THR A 385 -24.19 -10.48 -13.78
N TYR A 386 -25.01 -10.27 -14.81
CA TYR A 386 -26.47 -10.33 -14.71
C TYR A 386 -26.96 -11.64 -14.04
N LYS A 387 -27.67 -11.48 -12.93
CA LYS A 387 -28.25 -12.59 -12.18
C LYS A 387 -27.25 -13.67 -11.77
N ARG A 388 -26.05 -13.25 -11.37
CA ARG A 388 -25.04 -14.17 -10.87
C ARG A 388 -25.47 -14.72 -9.51
N GLN A 389 -25.05 -15.94 -9.23
CA GLN A 389 -25.34 -16.63 -7.97
C GLN A 389 -24.07 -16.66 -7.11
N LYS A 390 -22.92 -16.69 -7.81
CA LYS A 390 -21.58 -16.65 -7.22
C LYS A 390 -21.29 -17.68 -6.14
N MET B 24 17.34 28.90 3.45
CA MET B 24 16.63 29.08 2.14
C MET B 24 15.91 27.81 1.63
N PRO B 25 16.59 26.63 1.65
CA PRO B 25 15.94 25.44 1.10
C PRO B 25 14.56 25.15 1.72
N MET B 26 14.45 25.32 3.03
CA MET B 26 13.20 25.06 3.77
C MET B 26 12.04 25.95 3.33
N GLN B 27 12.36 27.19 2.96
CA GLN B 27 11.43 28.19 2.47
C GLN B 27 10.76 27.73 1.16
N MET B 28 11.61 27.40 0.19
CA MET B 28 11.21 26.89 -1.11
C MET B 28 10.51 25.53 -0.99
N PHE B 29 11.07 24.66 -0.15
CA PHE B 29 10.54 23.33 0.12
C PHE B 29 9.09 23.38 0.64
N MET B 30 8.83 24.30 1.56
CA MET B 30 7.47 24.49 2.11
C MET B 30 6.51 25.17 1.16
N GLN B 31 7.01 26.02 0.27
CA GLN B 31 6.16 26.58 -0.77
C GLN B 31 5.68 25.45 -1.68
N VAL B 32 6.57 24.50 -1.97
CA VAL B 32 6.25 23.40 -2.87
C VAL B 32 5.27 22.44 -2.21
N TYR B 33 5.42 22.25 -0.90
CA TYR B 33 4.43 21.51 -0.13
C TYR B 33 3.02 22.05 -0.37
N ASP B 34 2.88 23.37 -0.30
CA ASP B 34 1.57 24.00 -0.52
C ASP B 34 1.10 23.72 -1.92
N GLU B 35 2.02 23.78 -2.87
CA GLU B 35 1.69 23.56 -4.26
C GLU B 35 1.22 22.12 -4.51
N ILE B 36 1.89 21.18 -3.88
CA ILE B 36 1.53 19.76 -3.99
C ILE B 36 0.18 19.53 -3.31
N GLN B 37 0.02 20.04 -2.09
CA GLN B 37 -1.23 19.87 -1.35
C GLN B 37 -2.44 20.37 -2.13
N MET B 38 -2.28 21.53 -2.76
CA MET B 38 -3.37 22.14 -3.49
C MET B 38 -3.76 21.24 -4.65
N PHE B 39 -2.77 20.90 -5.49
CA PHE B 39 -3.02 19.97 -6.59
C PHE B 39 -3.75 18.72 -6.11
N LEU B 40 -3.19 18.04 -5.12
CA LEU B 40 -3.81 16.78 -4.67
C LEU B 40 -5.25 16.98 -4.21
N LEU B 41 -5.47 17.91 -3.30
CA LEU B 41 -6.81 18.09 -2.69
C LEU B 41 -7.86 18.72 -3.62
N GLU B 42 -7.42 19.59 -4.53
CA GLU B 42 -8.36 20.10 -5.53
C GLU B 42 -8.76 19.02 -6.52
N GLU B 43 -7.81 18.20 -6.94
CA GLU B 43 -8.12 17.07 -7.80
C GLU B 43 -9.16 16.14 -7.19
N LEU B 44 -9.04 15.90 -5.89
CA LEU B 44 -9.99 15.04 -5.19
C LEU B 44 -11.38 15.64 -5.23
N GLU B 45 -11.48 16.95 -4.99
CA GLU B 45 -12.77 17.65 -5.03
C GLU B 45 -13.36 17.72 -6.46
N LEU B 46 -12.51 18.06 -7.42
CA LEU B 46 -12.97 18.29 -8.79
C LEU B 46 -13.22 17.01 -9.55
N LYS B 47 -12.32 16.03 -9.43
CA LYS B 47 -12.39 14.80 -10.23
C LYS B 47 -12.89 13.54 -9.51
N PHE B 48 -12.91 13.57 -8.19
CA PHE B 48 -13.15 12.36 -7.40
C PHE B 48 -14.40 12.49 -6.51
N ASP B 49 -15.23 13.51 -6.79
CA ASP B 49 -16.52 13.75 -6.07
C ASP B 49 -16.38 13.90 -4.55
N MET B 50 -15.21 14.34 -4.11
CA MET B 50 -14.97 14.47 -2.68
C MET B 50 -15.65 15.67 -2.02
N ASP B 51 -16.32 15.41 -0.90
CA ASP B 51 -16.99 16.42 -0.11
C ASP B 51 -16.00 17.20 0.72
N PRO B 52 -16.32 18.46 1.06
CA PRO B 52 -15.46 19.34 1.85
C PRO B 52 -15.04 18.77 3.20
N ASN B 53 -15.89 17.98 3.83
CA ASN B 53 -15.53 17.36 5.10
C ASN B 53 -14.33 16.41 4.96
N ARG B 54 -14.34 15.60 3.91
CA ARG B 54 -13.28 14.63 3.70
C ARG B 54 -12.04 15.29 3.15
N VAL B 55 -12.21 16.32 2.31
CA VAL B 55 -11.07 17.13 1.88
C VAL B 55 -10.32 17.72 3.08
N ARG B 56 -11.06 18.05 4.14
CA ARG B 56 -10.50 18.63 5.37
C ARG B 56 -9.81 17.57 6.23
N TYR B 57 -10.44 16.42 6.37
CA TYR B 57 -9.81 15.28 7.04
C TYR B 57 -8.46 14.96 6.37
N LEU B 58 -8.48 14.75 5.06
CA LEU B 58 -7.27 14.44 4.28
C LEU B 58 -6.16 15.49 4.35
N ARG B 59 -6.55 16.77 4.42
CA ARG B 59 -5.56 17.84 4.59
C ARG B 59 -4.89 17.73 5.95
N LYS B 60 -5.69 17.54 6.98
CA LYS B 60 -5.17 17.34 8.32
C LYS B 60 -4.32 16.09 8.39
N MET B 61 -4.75 15.01 7.72
CA MET B 61 -3.97 13.76 7.73
C MET B 61 -2.63 13.99 7.06
N MET B 62 -2.65 14.71 5.93
CA MET B 62 -1.42 14.98 5.21
C MET B 62 -0.43 15.78 6.09
N ASP B 63 -0.93 16.85 6.73
CA ASP B 63 -0.08 17.72 7.54
C ASP B 63 0.49 16.97 8.73
N THR B 64 -0.37 16.21 9.40
CA THR B 64 0.05 15.48 10.58
C THR B 64 1.11 14.42 10.26
N THR B 65 0.93 13.70 9.17
CA THR B 65 1.82 12.59 8.84
C THR B 65 3.10 13.01 8.11
N CYS B 66 3.01 14.08 7.32
CA CYS B 66 4.13 14.50 6.47
C CYS B 66 5.01 15.58 7.09
N LEU B 67 4.43 16.45 7.91
CA LEU B 67 5.18 17.59 8.48
C LEU B 67 5.61 17.32 9.91
N GLY B 68 6.63 18.04 10.38
CA GLY B 68 7.04 17.96 11.78
C GLY B 68 8.33 17.19 12.05
N GLY B 69 8.85 16.54 11.01
CA GLY B 69 10.13 15.85 11.13
C GLY B 69 11.27 16.77 10.74
N LYS B 70 12.42 16.17 10.51
CA LYS B 70 13.64 16.91 10.16
C LYS B 70 13.74 17.13 8.65
N TYR B 71 12.95 16.38 7.87
CA TYR B 71 13.00 16.40 6.39
C TYR B 71 14.39 16.11 5.84
N ASN B 72 15.17 15.31 6.57
CA ASN B 72 16.49 14.90 6.13
C ASN B 72 16.51 14.25 4.74
N ARG B 73 15.57 13.34 4.48
CA ARG B 73 15.50 12.71 3.16
C ARG B 73 15.22 13.72 2.06
N GLY B 74 14.23 14.57 2.27
CA GLY B 74 13.79 15.50 1.25
C GLY B 74 14.79 16.61 1.00
N LEU B 75 15.34 17.14 2.07
CA LEU B 75 16.32 18.21 1.97
C LEU B 75 17.62 17.77 1.29
N THR B 76 17.94 16.48 1.39
CA THR B 76 19.09 15.90 0.70
C THR B 76 18.93 15.97 -0.82
N VAL B 77 17.72 15.71 -1.32
CA VAL B 77 17.45 15.78 -2.76
C VAL B 77 17.79 17.17 -3.26
N ILE B 78 17.27 18.20 -2.59
CA ILE B 78 17.55 19.59 -2.94
C ILE B 78 19.05 19.89 -2.87
N ASP B 79 19.70 19.43 -1.79
CA ASP B 79 21.12 19.72 -1.61
C ASP B 79 21.99 19.08 -2.70
N VAL B 80 21.71 17.81 -3.01
CA VAL B 80 22.39 17.11 -4.07
C VAL B 80 22.24 17.92 -5.37
N ALA B 81 21.03 18.38 -5.65
CA ALA B 81 20.74 19.11 -6.88
C ALA B 81 21.40 20.48 -6.91
N GLU B 82 21.39 21.19 -5.78
CA GLU B 82 22.05 22.49 -5.68
C GLU B 82 23.59 22.37 -5.70
N SER B 83 24.10 21.17 -5.45
CA SER B 83 25.53 20.90 -5.53
C SER B 83 25.97 20.58 -6.95
N LEU B 84 25.14 19.82 -7.67
CA LEU B 84 25.43 19.44 -9.05
C LEU B 84 25.12 20.59 -10.00
N LEU B 85 24.52 21.65 -9.47
CA LEU B 85 24.31 22.86 -10.24
C LEU B 85 25.65 23.62 -10.29
N SER B 86 26.62 22.95 -10.91
CA SER B 86 27.96 23.49 -11.20
C SER B 86 28.30 23.15 -12.64
N LEU B 87 28.35 21.83 -12.93
CA LEU B 87 28.53 21.28 -14.28
C LEU B 87 27.67 22.02 -15.31
N ASP B 96 22.40 29.75 -20.85
CA ASP B 96 21.52 29.81 -19.69
C ASP B 96 21.15 31.26 -19.32
N ASP B 97 20.10 31.39 -18.51
CA ASP B 97 19.62 32.68 -18.00
C ASP B 97 19.17 32.59 -16.53
N GLY B 98 19.16 31.37 -16.00
CA GLY B 98 18.71 31.06 -14.64
C GLY B 98 17.47 30.18 -14.61
N ALA B 99 17.04 29.78 -15.80
CA ALA B 99 15.84 28.96 -15.99
C ALA B 99 16.05 27.49 -15.59
N ARG B 100 17.21 26.95 -15.95
CA ARG B 100 17.61 25.57 -15.55
C ARG B 100 17.55 25.40 -14.05
N ARG B 101 18.21 26.32 -13.35
CA ARG B 101 18.31 26.32 -11.91
C ARG B 101 16.94 26.32 -11.22
N LYS B 102 16.04 27.19 -11.68
CA LYS B 102 14.70 27.27 -11.12
C LYS B 102 13.93 25.98 -11.35
N ARG B 103 14.06 25.40 -12.54
CA ARG B 103 13.40 24.14 -12.89
C ARG B 103 13.96 22.98 -12.08
N VAL B 104 15.28 22.87 -12.05
CA VAL B 104 15.94 21.76 -11.37
C VAL B 104 15.62 21.77 -9.88
N LEU B 105 15.67 22.96 -9.26
CA LEU B 105 15.41 23.09 -7.82
C LEU B 105 13.95 22.83 -7.47
N HIS B 106 13.03 23.20 -8.35
CA HIS B 106 11.63 22.87 -8.17
C HIS B 106 11.37 21.35 -8.26
N ASP B 107 11.95 20.71 -9.28
CA ASP B 107 11.89 19.26 -9.44
C ASP B 107 12.44 18.52 -8.24
N ALA B 108 13.56 19.04 -7.73
CA ALA B 108 14.20 18.47 -6.54
C ALA B 108 13.27 18.59 -5.34
N CYS B 109 12.62 19.74 -5.19
CA CYS B 109 11.60 19.91 -4.16
C CYS B 109 10.43 18.88 -4.25
N VAL B 110 9.96 18.62 -5.47
CA VAL B 110 8.86 17.65 -5.68
C VAL B 110 9.34 16.24 -5.33
N CYS B 111 10.49 15.84 -5.84
CA CYS B 111 11.11 14.55 -5.46
C CYS B 111 11.35 14.44 -3.96
N GLY B 112 11.81 15.53 -3.37
CA GLY B 112 11.98 15.58 -1.90
C GLY B 112 10.70 15.29 -1.14
N TRP B 113 9.61 15.89 -1.57
CA TRP B 113 8.28 15.55 -1.03
C TRP B 113 7.80 14.15 -1.43
N MET B 114 8.19 13.63 -2.59
CA MET B 114 7.91 12.20 -2.89
C MET B 114 8.48 11.30 -1.80
N ILE B 115 9.76 11.47 -1.46
CA ILE B 115 10.34 10.64 -0.38
C ILE B 115 9.74 10.95 1.00
N GLU B 116 9.47 12.24 1.24
CA GLU B 116 8.85 12.61 2.53
C GLU B 116 7.44 12.01 2.72
N PHE B 117 6.66 12.00 1.63
CA PHE B 117 5.36 11.36 1.62
C PHE B 117 5.47 9.84 1.73
N LEU B 118 6.47 9.27 1.05
CA LEU B 118 6.73 7.84 1.14
C LEU B 118 7.10 7.47 2.55
N GLN B 119 8.00 8.24 3.17
CA GLN B 119 8.34 8.05 4.60
C GLN B 119 7.10 8.23 5.47
N ALA B 120 6.27 9.24 5.18
CA ALA B 120 5.01 9.38 5.90
C ALA B 120 4.17 8.08 5.88
N HIS B 121 4.02 7.53 4.67
CA HIS B 121 3.33 6.28 4.43
C HIS B 121 3.98 5.17 5.25
N TYR B 122 5.31 5.07 5.23
CA TYR B 122 5.94 3.98 6.02
C TYR B 122 5.65 4.09 7.51
N LEU B 123 5.73 5.30 8.04
CA LEU B 123 5.57 5.50 9.49
C LEU B 123 4.15 5.19 9.97
N VAL B 124 3.16 5.55 9.16
CA VAL B 124 1.74 5.31 9.53
C VAL B 124 1.51 3.80 9.68
N GLU B 125 1.93 3.05 8.66
CA GLU B 125 1.74 1.61 8.65
C GLU B 125 2.68 0.93 9.63
N ASP B 126 3.92 1.42 9.75
CA ASP B 126 4.87 0.86 10.72
C ASP B 126 4.41 1.02 12.16
N ASP B 127 3.88 2.19 12.51
CA ASP B 127 3.37 2.37 13.89
C ASP B 127 2.25 1.42 14.24
N ILE B 128 1.38 1.14 13.28
CA ILE B 128 0.35 0.09 13.44
C ILE B 128 0.99 -1.28 13.69
N MET B 129 1.96 -1.63 12.84
CA MET B 129 2.64 -2.93 12.88
C MET B 129 3.44 -3.08 14.15
N ASP B 130 4.04 -1.97 14.61
CA ASP B 130 4.89 -1.98 15.79
C ASP B 130 4.17 -1.73 17.13
N ASN B 131 2.86 -1.52 17.08
CA ASN B 131 2.03 -1.24 18.28
C ASN B 131 2.55 -0.04 19.06
N SER B 132 3.02 0.95 18.32
CA SER B 132 3.61 2.14 18.90
C SER B 132 2.52 3.09 19.38
N VAL B 133 2.89 4.00 20.27
CA VAL B 133 1.90 4.90 20.91
C VAL B 133 2.04 6.36 20.48
N THR B 134 3.25 6.87 20.42
CA THR B 134 3.48 8.25 19.96
C THR B 134 4.50 8.29 18.85
N ARG B 135 4.50 9.43 18.14
CA ARG B 135 5.39 9.70 17.02
C ARG B 135 5.61 11.21 17.01
N ARG B 136 6.86 11.64 17.03
CA ARG B 136 7.22 13.07 17.12
C ARG B 136 6.46 13.79 18.24
N GLY B 137 6.24 13.09 19.35
CA GLY B 137 5.66 13.69 20.54
C GLY B 137 4.19 14.03 20.41
N LYS B 138 3.51 13.31 19.50
CA LYS B 138 2.05 13.35 19.36
C LYS B 138 1.65 11.90 19.22
N PRO B 139 0.35 11.58 19.38
CA PRO B 139 -0.04 10.18 19.19
C PRO B 139 0.29 9.72 17.78
N CYS B 140 0.50 8.41 17.59
CA CYS B 140 0.65 7.85 16.25
C CYS B 140 -0.64 8.14 15.53
N TRP B 141 -0.60 8.14 14.19
CA TRP B 141 -1.81 8.45 13.43
C TRP B 141 -2.96 7.55 13.87
N TYR B 142 -2.73 6.24 13.86
CA TYR B 142 -3.76 5.26 14.21
C TYR B 142 -4.16 5.37 15.69
N ARG B 143 -3.42 6.16 16.46
CA ARG B 143 -3.77 6.40 17.87
C ARG B 143 -4.59 7.67 18.06
N HIS B 144 -4.82 8.43 16.99
CA HIS B 144 -5.63 9.64 17.11
C HIS B 144 -7.07 9.27 17.47
N PRO B 145 -7.69 10.02 18.42
CA PRO B 145 -9.04 9.64 18.92
C PRO B 145 -10.08 9.40 17.83
N ASP B 146 -10.06 10.22 16.78
CA ASP B 146 -11.05 10.07 15.69
C ASP B 146 -10.56 9.40 14.41
N VAL B 147 -9.42 8.71 14.48
CA VAL B 147 -8.93 7.91 13.37
C VAL B 147 -9.09 6.45 13.77
N THR B 148 -9.94 5.72 13.05
CA THR B 148 -10.04 4.27 13.26
C THR B 148 -8.83 3.61 12.62
N VAL B 149 -8.45 2.45 13.15
CA VAL B 149 -7.33 1.67 12.64
C VAL B 149 -7.55 1.31 11.16
N GLN B 150 -8.80 0.97 10.80
CA GLN B 150 -9.06 0.67 9.41
C GLN B 150 -8.87 1.93 8.54
N CYS B 151 -9.22 3.11 9.04
CA CYS B 151 -9.00 4.32 8.22
C CYS B 151 -7.53 4.67 8.14
N ALA B 152 -6.84 4.50 9.26
CA ALA B 152 -5.38 4.65 9.38
C ALA B 152 -4.63 3.86 8.31
N ILE B 153 -4.99 2.60 8.17
CA ILE B 153 -4.41 1.73 7.13
C ILE B 153 -4.62 2.34 5.75
N ASN B 154 -5.83 2.81 5.45
CA ASN B 154 -6.11 3.38 4.14
C ASN B 154 -5.46 4.73 3.94
N ASP B 155 -5.49 5.55 5.00
CA ASP B 155 -4.80 6.84 5.00
C ASP B 155 -3.31 6.66 4.69
N GLY B 156 -2.68 5.71 5.37
CA GLY B 156 -1.29 5.35 5.08
C GLY B 156 -1.02 5.08 3.61
N LEU B 157 -1.94 4.38 2.96
CA LEU B 157 -1.81 3.98 1.57
C LEU B 157 -2.01 5.16 0.61
N LEU B 158 -2.97 6.03 0.94
CA LEU B 158 -3.21 7.27 0.18
C LEU B 158 -1.93 8.08 0.10
N LEU B 159 -1.19 8.16 1.21
CA LEU B 159 0.09 8.83 1.21
C LEU B 159 1.02 8.25 0.13
N LYS B 160 1.11 6.93 0.03
CA LYS B 160 1.96 6.38 -1.05
C LYS B 160 1.40 6.71 -2.46
N SER B 161 0.08 6.59 -2.63
CA SER B 161 -0.56 6.88 -3.91
C SER B 161 -0.24 8.30 -4.36
N TRP B 162 -0.17 9.21 -3.38
CA TRP B 162 0.17 10.60 -3.60
C TRP B 162 1.58 10.80 -4.15
N THR B 163 2.52 9.95 -3.78
CA THR B 163 3.88 10.06 -4.31
C THR B 163 3.85 9.86 -5.81
N HIS B 164 3.01 8.97 -6.29
CA HIS B 164 2.96 8.69 -7.72
C HIS B 164 2.24 9.80 -8.47
N MET B 165 1.10 10.22 -7.91
CA MET B 165 0.25 11.25 -8.52
C MET B 165 0.99 12.60 -8.65
N MET B 166 1.76 12.97 -7.63
CA MET B 166 2.53 14.21 -7.68
C MET B 166 3.65 14.15 -8.73
N ALA B 167 4.25 12.98 -8.87
CA ALA B 167 5.26 12.74 -9.90
C ALA B 167 4.68 12.83 -11.31
N MET B 168 3.49 12.26 -11.49
CA MET B 168 2.87 12.24 -12.81
C MET B 168 2.43 13.62 -13.28
N HIS B 169 2.01 14.46 -12.34
CA HIS B 169 1.55 15.81 -12.64
C HIS B 169 2.75 16.75 -12.89
N PHE B 170 3.68 16.80 -11.95
CA PHE B 170 4.76 17.74 -12.02
C PHE B 170 5.84 17.38 -13.05
N PHE B 171 6.00 16.08 -13.29
CA PHE B 171 7.07 15.60 -14.17
C PHE B 171 6.53 15.04 -15.49
N ALA B 172 5.25 15.27 -15.78
CA ALA B 172 4.61 14.70 -16.99
C ALA B 172 5.45 14.90 -18.28
N ASP B 173 6.13 16.04 -18.40
CA ASP B 173 6.87 16.34 -19.61
C ASP B 173 8.39 16.14 -19.48
N ARG B 174 8.85 15.65 -18.32
CA ARG B 174 10.27 15.36 -18.13
C ARG B 174 10.65 13.99 -18.72
N PRO B 175 11.72 13.94 -19.52
CA PRO B 175 12.25 12.66 -20.02
C PRO B 175 12.66 11.67 -18.93
N PHE B 176 13.02 12.18 -17.75
CA PHE B 176 13.47 11.31 -16.67
C PHE B 176 12.32 10.58 -15.93
N LEU B 177 11.06 10.93 -16.26
CA LEU B 177 9.88 10.37 -15.58
C LEU B 177 9.94 8.86 -15.38
N GLN B 178 10.09 8.11 -16.47
CA GLN B 178 10.04 6.65 -16.42
C GLN B 178 11.15 6.08 -15.54
N ASP B 179 12.36 6.63 -15.67
CA ASP B 179 13.52 6.17 -14.92
C ASP B 179 13.29 6.44 -13.42
N LEU B 180 12.87 7.66 -13.12
CA LEU B 180 12.54 8.10 -11.77
C LEU B 180 11.54 7.16 -11.12
N LEU B 181 10.42 6.93 -11.80
CA LEU B 181 9.37 6.01 -11.32
C LEU B 181 9.84 4.58 -11.19
N CYS B 182 10.61 4.09 -12.15
CA CYS B 182 11.20 2.74 -12.03
C CYS B 182 12.08 2.59 -10.77
N ARG B 183 12.99 3.54 -10.56
CA ARG B 183 13.90 3.45 -9.40
C ARG B 183 13.18 3.67 -8.08
N PHE B 184 12.25 4.62 -8.06
CA PHE B 184 11.46 4.94 -6.85
C PHE B 184 10.72 3.68 -6.44
N ASN B 185 10.10 3.03 -7.41
CA ASN B 185 9.31 1.84 -7.13
C ASN B 185 10.14 0.65 -6.70
N ARG B 186 11.32 0.50 -7.31
CA ARG B 186 12.20 -0.57 -6.88
C ARG B 186 12.63 -0.40 -5.42
N VAL B 187 12.86 0.85 -5.01
CA VAL B 187 13.29 1.12 -3.65
C VAL B 187 12.17 0.92 -2.62
N ASP B 188 10.94 1.22 -3.03
CA ASP B 188 9.76 1.04 -2.21
C ASP B 188 9.59 -0.46 -1.94
N TYR B 189 9.73 -1.26 -2.99
CA TYR B 189 9.56 -2.70 -2.92
C TYR B 189 10.66 -3.31 -2.04
N THR B 190 11.89 -2.85 -2.21
CA THR B 190 12.99 -3.23 -1.34
C THR B 190 12.67 -3.01 0.15
N THR B 191 12.10 -1.85 0.44
CA THR B 191 11.75 -1.42 1.78
C THR B 191 10.68 -2.31 2.36
N ALA B 192 9.66 -2.65 1.57
CA ALA B 192 8.61 -3.60 1.98
C ALA B 192 9.16 -5.02 2.25
N VAL B 193 10.13 -5.44 1.45
CA VAL B 193 10.85 -6.72 1.73
C VAL B 193 11.60 -6.61 3.08
N GLY B 194 12.30 -5.50 3.31
CA GLY B 194 12.95 -5.28 4.61
C GLY B 194 12.00 -5.35 5.81
N GLN B 195 10.80 -4.82 5.61
CA GLN B 195 9.76 -4.84 6.65
C GLN B 195 9.29 -6.27 6.94
N LEU B 196 9.22 -7.10 5.90
CA LEU B 196 8.96 -8.53 6.05
C LEU B 196 10.07 -9.14 6.91
N TYR B 197 11.34 -8.89 6.57
CA TYR B 197 12.47 -9.37 7.36
C TYR B 197 12.37 -8.95 8.84
N ASP B 198 12.00 -7.68 9.06
CA ASP B 198 11.88 -7.10 10.40
C ASP B 198 10.75 -7.73 11.22
N VAL B 199 9.63 -7.98 10.57
CA VAL B 199 8.42 -8.39 11.24
C VAL B 199 8.38 -9.91 11.51
N THR B 200 9.22 -10.66 10.80
CA THR B 200 9.37 -12.11 11.00
C THR B 200 10.70 -12.48 11.66
N SER B 201 11.43 -11.49 12.15
CA SER B 201 12.74 -11.77 12.76
C SER B 201 12.65 -12.49 14.11
N MET B 202 11.51 -12.40 14.78
CA MET B 202 11.37 -13.03 16.12
C MET B 202 10.73 -14.40 16.02
N PHE B 203 10.52 -14.85 14.79
CA PHE B 203 9.96 -16.18 14.51
C PHE B 203 10.98 -17.08 13.83
N ASP B 204 11.14 -18.29 14.37
CA ASP B 204 12.00 -19.32 13.78
C ASP B 204 11.53 -19.55 12.35
N SER B 205 12.34 -19.10 11.38
CA SER B 205 11.94 -19.14 9.98
C SER B 205 11.72 -20.55 9.43
N ASN B 206 12.40 -21.55 10.02
CA ASN B 206 12.22 -22.96 9.65
C ASN B 206 10.79 -23.45 9.90
N LYS B 207 10.09 -22.77 10.80
CA LYS B 207 8.73 -23.13 11.18
C LYS B 207 7.70 -22.14 10.68
N LEU B 208 8.13 -21.22 9.82
CA LEU B 208 7.28 -20.20 9.22
C LEU B 208 6.27 -20.87 8.29
N ASP B 209 4.99 -20.76 8.63
CA ASP B 209 3.95 -21.60 8.01
C ASP B 209 2.60 -20.95 8.20
N PRO B 210 2.00 -20.39 7.13
CA PRO B 210 0.70 -19.72 7.23
C PRO B 210 -0.34 -20.54 8.01
N ASP B 211 -0.36 -21.85 7.80
CA ASP B 211 -1.37 -22.73 8.40
C ASP B 211 -1.17 -23.10 9.87
N VAL B 212 -0.03 -22.72 10.45
CA VAL B 212 0.31 -23.18 11.80
C VAL B 212 0.81 -22.04 12.67
N SER B 213 0.21 -21.87 13.85
CA SER B 213 0.66 -20.84 14.78
C SER B 213 2.01 -21.21 15.40
N GLN B 214 2.85 -20.21 15.64
CA GLN B 214 4.14 -20.43 16.28
C GLN B 214 4.44 -19.26 17.22
N PRO B 215 5.06 -19.53 18.39
CA PRO B 215 5.32 -18.41 19.29
C PRO B 215 6.61 -17.66 18.92
N THR B 216 6.89 -16.59 19.67
CA THR B 216 8.19 -15.92 19.58
C THR B 216 9.28 -16.98 19.79
N THR B 217 10.38 -16.85 19.06
CA THR B 217 11.53 -17.76 19.18
C THR B 217 11.97 -17.85 20.63
N THR B 218 12.43 -19.03 21.03
CA THR B 218 12.91 -19.23 22.40
C THR B 218 14.43 -19.41 22.45
N ASP B 219 15.02 -19.76 21.31
CA ASP B 219 16.48 -19.92 21.24
C ASP B 219 17.23 -18.72 20.61
N PHE B 220 16.48 -17.83 19.93
CA PHE B 220 17.06 -16.64 19.28
C PHE B 220 18.24 -16.95 18.34
N ALA B 221 18.22 -18.13 17.75
CA ALA B 221 19.32 -18.59 16.88
C ALA B 221 19.48 -17.73 15.63
N GLU B 222 18.42 -17.03 15.25
CA GLU B 222 18.46 -16.17 14.06
C GLU B 222 18.74 -14.71 14.37
N PHE B 223 18.85 -14.40 15.67
CA PHE B 223 19.31 -13.08 16.13
C PHE B 223 20.81 -12.89 15.96
N THR B 224 21.25 -12.84 14.70
CA THR B 224 22.66 -12.72 14.38
C THR B 224 22.94 -11.42 13.66
N LEU B 225 24.19 -10.98 13.68
CA LEU B 225 24.57 -9.73 13.01
C LEU B 225 24.32 -9.84 11.51
N SER B 226 24.49 -11.04 10.95
CA SER B 226 24.26 -11.24 9.52
C SER B 226 22.79 -11.01 9.16
N ASN B 227 21.91 -11.55 9.99
CA ASN B 227 20.48 -11.32 9.85
C ASN B 227 20.07 -9.89 10.17
N TYR B 228 20.70 -9.27 11.18
CA TYR B 228 20.50 -7.84 11.45
C TYR B 228 20.84 -6.97 10.24
N LYS B 229 22.00 -7.22 9.66
CA LYS B 229 22.51 -6.36 8.58
C LYS B 229 21.59 -6.39 7.36
N ARG B 230 20.97 -7.53 7.10
CA ARG B 230 20.04 -7.65 6.00
C ARG B 230 18.68 -6.98 6.33
N ILE B 231 18.14 -7.19 7.53
CA ILE B 231 16.88 -6.52 7.89
C ILE B 231 17.01 -5.03 7.60
N VAL B 232 18.13 -4.49 8.04
CA VAL B 232 18.43 -3.07 8.10
C VAL B 232 18.79 -2.46 6.74
N LYS B 233 19.56 -3.19 5.94
CA LYS B 233 19.91 -2.75 4.56
C LYS B 233 18.65 -2.47 3.73
N TYR B 234 17.71 -3.39 3.83
CA TYR B 234 16.49 -3.39 3.06
C TYR B 234 15.43 -2.41 3.58
N LYS B 235 15.11 -2.50 4.88
CA LYS B 235 14.06 -1.62 5.42
C LYS B 235 14.47 -0.18 5.57
N THR B 236 15.76 0.14 5.68
CA THR B 236 16.16 1.51 5.95
C THR B 236 17.12 2.14 4.93
N ALA B 237 18.24 1.47 4.63
CA ALA B 237 19.33 2.11 3.89
C ALA B 237 18.93 2.54 2.48
N TYR B 238 18.14 1.69 1.82
CA TYR B 238 17.78 2.02 0.43
C TYR B 238 16.94 3.30 0.33
N TYR B 239 15.87 3.38 1.12
CA TYR B 239 15.00 4.56 1.02
C TYR B 239 15.49 5.81 1.78
N THR B 240 16.31 5.62 2.80
CA THR B 240 16.75 6.73 3.63
C THR B 240 18.03 7.35 3.08
N TYR B 241 18.91 6.51 2.52
CA TYR B 241 20.20 6.98 2.03
C TYR B 241 20.36 6.92 0.51
N LEU B 242 20.13 5.77 -0.11
CA LEU B 242 20.33 5.68 -1.56
C LEU B 242 19.34 6.53 -2.35
N LEU B 243 18.05 6.41 -2.03
CA LEU B 243 17.02 7.05 -2.82
C LEU B 243 17.14 8.60 -2.93
N PRO B 244 17.36 9.33 -1.81
CA PRO B 244 17.49 10.79 -1.93
C PRO B 244 18.67 11.23 -2.79
N LEU B 245 19.76 10.51 -2.68
CA LEU B 245 20.95 10.77 -3.47
C LEU B 245 20.64 10.53 -4.94
N VAL B 246 20.04 9.38 -5.25
CA VAL B 246 19.73 9.05 -6.63
C VAL B 246 18.73 10.04 -7.27
N MET B 247 17.72 10.45 -6.50
CA MET B 247 16.73 11.39 -7.01
C MET B 247 17.31 12.78 -7.27
N GLY B 248 18.23 13.20 -6.40
CA GLY B 248 18.91 14.48 -6.58
C GLY B 248 19.72 14.45 -7.86
N LEU B 249 20.38 13.33 -8.12
CA LEU B 249 21.12 13.13 -9.38
C LEU B 249 20.22 13.11 -10.61
N ILE B 250 19.06 12.46 -10.51
CA ILE B 250 18.10 12.38 -11.62
C ILE B 250 17.59 13.76 -12.04
N VAL B 251 17.08 14.55 -11.10
CA VAL B 251 16.53 15.87 -11.46
C VAL B 251 17.59 16.87 -11.96
N SER B 252 18.84 16.64 -11.57
CA SER B 252 19.90 17.48 -12.08
C SER B 252 20.57 16.81 -13.30
N GLU B 253 20.01 15.68 -13.72
CA GLU B 253 20.42 14.89 -14.89
C GLU B 253 21.92 14.54 -14.84
N ALA B 254 22.35 14.06 -13.68
CA ALA B 254 23.75 13.79 -13.43
C ALA B 254 23.98 12.35 -12.99
N LEU B 255 22.97 11.51 -13.15
CA LEU B 255 23.03 10.16 -12.58
C LEU B 255 24.28 9.34 -12.98
N PRO B 256 24.60 9.26 -14.29
CA PRO B 256 25.78 8.46 -14.64
C PRO B 256 27.14 9.08 -14.28
N THR B 257 27.16 10.35 -13.88
CA THR B 257 28.42 11.08 -13.61
C THR B 257 29.17 10.62 -12.36
N VAL B 258 28.62 9.59 -11.72
CA VAL B 258 28.94 9.21 -10.36
C VAL B 258 29.25 7.72 -10.35
N ASP B 259 30.29 7.32 -9.61
CA ASP B 259 30.58 5.93 -9.38
C ASP B 259 29.48 5.37 -8.52
N MET B 260 28.64 4.52 -9.10
CA MET B 260 27.44 4.05 -8.43
C MET B 260 27.75 2.94 -7.45
N GLY B 261 28.84 2.21 -7.68
CA GLY B 261 29.27 1.16 -6.75
C GLY B 261 29.68 1.75 -5.42
N VAL B 262 30.46 2.83 -5.48
CA VAL B 262 30.94 3.55 -4.32
C VAL B 262 29.75 4.18 -3.62
N THR B 263 28.93 4.90 -4.39
CA THR B 263 27.72 5.56 -3.89
C THR B 263 26.80 4.58 -3.14
N GLU B 264 26.47 3.47 -3.78
CA GLU B 264 25.71 2.42 -3.10
C GLU B 264 26.40 1.93 -1.83
N GLU B 265 27.73 1.73 -1.89
CA GLU B 265 28.48 1.32 -0.70
C GLU B 265 28.28 2.30 0.44
N LEU B 266 28.48 3.59 0.13
CA LEU B 266 28.22 4.66 1.08
C LEU B 266 26.83 4.60 1.70
N ALA B 267 25.81 4.51 0.84
CA ALA B 267 24.43 4.51 1.29
C ALA B 267 24.16 3.32 2.19
N MET B 268 24.74 2.16 1.89
CA MET B 268 24.50 0.98 2.70
C MET B 268 25.15 1.11 4.07
N LEU B 269 26.34 1.69 4.09
CA LEU B 269 27.08 1.87 5.34
C LEU B 269 26.39 2.91 6.22
N MET B 270 26.14 4.09 5.68
CA MET B 270 25.37 5.13 6.36
C MET B 270 23.99 4.70 6.82
N GLY B 271 23.24 4.01 5.96
CA GLY B 271 21.93 3.49 6.34
C GLY B 271 21.96 2.47 7.46
N GLU B 272 22.96 1.58 7.45
CA GLU B 272 23.10 0.61 8.54
C GLU B 272 23.29 1.35 9.87
N TYR B 273 24.26 2.27 9.89
CA TYR B 273 24.63 3.09 11.05
C TYR B 273 23.43 3.83 11.64
N PHE B 274 22.72 4.58 10.79
CA PHE B 274 21.46 5.22 11.11
C PHE B 274 20.46 4.32 11.84
N GLN B 275 20.27 3.11 11.31
CA GLN B 275 19.36 2.18 11.96
C GLN B 275 19.91 1.68 13.30
N VAL B 276 21.21 1.42 13.36
CA VAL B 276 21.85 1.04 14.64
C VAL B 276 21.60 2.15 15.66
N GLN B 277 21.80 3.39 15.24
CA GLN B 277 21.51 4.56 16.04
C GLN B 277 20.04 4.59 16.47
N ASP B 278 19.13 4.39 15.51
CA ASP B 278 17.71 4.34 15.83
C ASP B 278 17.38 3.30 16.91
N ASP B 279 17.99 2.13 16.77
CA ASP B 279 17.84 1.01 17.67
C ASP B 279 18.37 1.34 19.07
N VAL B 280 19.58 1.93 19.12
CA VAL B 280 20.20 2.32 20.38
C VAL B 280 19.37 3.38 21.10
N MET B 281 18.94 4.41 20.37
CA MET B 281 18.06 5.42 20.93
C MET B 281 16.72 4.83 21.45
N ASP B 282 16.17 3.85 20.74
CA ASP B 282 14.93 3.20 21.15
C ASP B 282 15.03 2.77 22.61
N CYS B 283 16.22 2.30 23.00
CA CYS B 283 16.45 1.78 24.33
C CYS B 283 16.93 2.84 25.33
N PHE B 284 17.77 3.77 24.88
CA PHE B 284 18.49 4.64 25.81
C PHE B 284 18.21 6.15 25.79
N THR B 285 17.46 6.62 24.79
CA THR B 285 17.08 8.02 24.71
C THR B 285 15.67 8.21 25.28
N PRO B 286 15.56 9.04 26.34
CA PRO B 286 14.27 9.49 26.87
C PRO B 286 13.30 9.88 25.75
N PRO B 287 12.05 9.39 25.83
CA PRO B 287 11.08 9.66 24.76
C PRO B 287 10.86 11.15 24.54
N GLU B 288 11.07 11.94 25.59
CA GLU B 288 10.93 13.40 25.55
C GLU B 288 11.80 14.04 24.46
N ARG B 289 13.03 13.58 24.29
CA ARG B 289 13.89 14.06 23.20
C ARG B 289 13.67 13.28 21.90
N LEU B 290 13.34 12.00 22.04
CA LEU B 290 13.07 11.13 20.90
C LEU B 290 11.76 11.51 20.20
N GLY B 291 10.75 11.86 21.00
CA GLY B 291 9.42 12.16 20.48
C GLY B 291 8.63 10.90 20.23
N LYS B 292 9.21 9.76 20.59
CA LYS B 292 8.54 8.48 20.42
C LYS B 292 8.96 7.54 21.53
N VAL B 293 8.02 6.69 21.93
CA VAL B 293 8.27 5.72 22.98
C VAL B 293 8.76 4.42 22.32
N GLY B 294 9.87 3.91 22.83
CA GLY B 294 10.49 2.69 22.29
C GLY B 294 9.68 1.41 22.46
N THR B 295 9.66 0.59 21.42
CA THR B 295 8.89 -0.65 21.43
C THR B 295 9.70 -1.92 21.14
N ASP B 296 11.00 -1.78 20.86
CA ASP B 296 11.83 -2.92 20.40
C ASP B 296 11.88 -4.10 21.36
N ILE B 297 12.15 -3.82 22.63
CA ILE B 297 12.22 -4.87 23.63
C ILE B 297 10.87 -5.60 23.69
N GLN B 298 9.79 -4.83 23.85
CA GLN B 298 8.43 -5.38 23.95
C GLN B 298 8.02 -6.18 22.72
N ASP B 299 8.42 -5.70 21.53
CA ASP B 299 8.02 -6.37 20.30
C ASP B 299 8.95 -7.51 19.95
N ALA B 300 9.95 -7.75 20.82
CA ALA B 300 10.98 -8.78 20.63
C ALA B 300 11.76 -8.59 19.33
N LYS B 301 12.12 -7.34 19.05
CA LYS B 301 12.75 -6.98 17.78
C LYS B 301 14.22 -7.42 17.69
N CYS B 302 14.62 -7.90 16.51
CA CYS B 302 16.04 -8.21 16.24
C CYS B 302 16.81 -6.89 16.06
N SER B 303 17.01 -6.19 17.17
CA SER B 303 17.71 -4.92 17.21
C SER B 303 19.25 -5.11 17.22
N TRP B 304 19.99 -4.05 16.90
CA TRP B 304 21.44 -4.09 16.99
C TRP B 304 21.91 -4.46 18.42
N LEU B 305 21.25 -3.86 19.42
CA LEU B 305 21.54 -4.15 20.83
C LEU B 305 21.39 -5.62 21.15
N ALA B 306 20.29 -6.23 20.70
CA ALA B 306 19.97 -7.62 21.06
C ALA B 306 20.96 -8.59 20.42
N VAL B 307 21.24 -8.40 19.13
CA VAL B 307 22.20 -9.26 18.41
C VAL B 307 23.63 -9.09 18.94
N THR B 308 24.04 -7.85 19.22
CA THR B 308 25.36 -7.57 19.77
C THR B 308 25.50 -8.20 21.17
N PHE B 309 24.50 -7.99 22.03
CA PHE B 309 24.51 -8.58 23.36
C PHE B 309 24.59 -10.10 23.25
N LEU B 310 23.73 -10.72 22.44
CA LEU B 310 23.68 -12.18 22.39
C LEU B 310 24.98 -12.82 21.90
N ALA B 311 25.70 -12.12 21.01
CA ALA B 311 26.94 -12.63 20.46
C ALA B 311 28.07 -12.73 21.49
N LYS B 312 28.08 -11.80 22.44
CA LYS B 312 29.16 -11.65 23.43
C LYS B 312 28.81 -12.14 24.84
N ALA B 313 27.51 -12.28 25.12
CA ALA B 313 27.04 -12.62 26.45
C ALA B 313 27.42 -14.02 26.95
N SER B 314 27.59 -14.13 28.27
CA SER B 314 27.83 -15.41 28.91
C SER B 314 26.53 -16.19 28.90
N SER B 315 26.63 -17.50 29.12
CA SER B 315 25.44 -18.33 29.23
C SER B 315 24.44 -17.77 30.24
N ALA B 316 24.93 -17.29 31.38
CA ALA B 316 24.05 -16.78 32.45
C ALA B 316 23.28 -15.52 32.02
N GLN B 317 23.98 -14.59 31.38
CA GLN B 317 23.36 -13.39 30.83
C GLN B 317 22.31 -13.69 29.76
N VAL B 318 22.63 -14.65 28.90
CA VAL B 318 21.74 -15.04 27.82
C VAL B 318 20.43 -15.60 28.37
N ALA B 319 20.53 -16.43 29.40
CA ALA B 319 19.37 -17.06 30.01
C ALA B 319 18.50 -16.03 30.72
N GLU B 320 19.11 -14.94 31.18
CA GLU B 320 18.36 -13.87 31.82
C GLU B 320 17.62 -13.01 30.78
N PHE B 321 18.29 -12.77 29.64
CA PHE B 321 17.71 -12.07 28.50
C PHE B 321 16.49 -12.84 27.96
N LYS B 322 16.65 -14.15 27.77
CA LYS B 322 15.59 -15.00 27.22
C LYS B 322 14.32 -14.95 28.07
N ALA B 323 14.52 -14.87 29.38
CA ALA B 323 13.44 -14.81 30.36
C ALA B 323 12.72 -13.44 30.38
N ASN B 324 13.36 -12.41 29.85
CA ASN B 324 12.84 -11.05 29.97
C ASN B 324 12.52 -10.31 28.66
N TYR B 325 13.03 -10.79 27.52
CA TYR B 325 12.81 -10.15 26.23
C TYR B 325 11.42 -10.42 25.65
N GLY B 326 10.87 -9.45 24.94
CA GLY B 326 9.60 -9.63 24.25
C GLY B 326 8.38 -9.63 25.14
N SER B 327 8.50 -8.97 26.31
CA SER B 327 7.41 -8.83 27.25
C SER B 327 7.09 -7.36 27.48
N GLY B 328 5.80 -7.04 27.64
CA GLY B 328 5.37 -5.69 27.98
C GLY B 328 5.65 -5.28 29.43
N ASP B 329 5.76 -6.26 30.32
CA ASP B 329 6.00 -6.04 31.75
C ASP B 329 7.20 -5.11 31.97
N SER B 330 6.97 -3.99 32.66
CA SER B 330 7.97 -2.92 32.87
C SER B 330 9.23 -3.37 33.61
N GLU B 331 9.10 -4.44 34.39
CA GLU B 331 10.21 -5.00 35.16
C GLU B 331 11.11 -5.84 34.26
N LYS B 332 10.47 -6.58 33.35
CA LYS B 332 11.18 -7.40 32.37
C LYS B 332 11.99 -6.54 31.37
N VAL B 333 11.38 -5.46 30.87
CA VAL B 333 12.07 -4.53 29.96
C VAL B 333 13.26 -3.79 30.60
N ALA B 334 13.11 -3.44 31.89
CA ALA B 334 14.19 -2.80 32.66
C ALA B 334 15.38 -3.74 32.88
N THR B 335 15.08 -5.04 33.02
CA THR B 335 16.12 -6.06 33.14
C THR B 335 16.96 -6.11 31.85
N VAL B 336 16.27 -6.13 30.71
CA VAL B 336 16.91 -6.11 29.39
C VAL B 336 17.78 -4.85 29.20
N ARG B 337 17.31 -3.69 29.68
CA ARG B 337 18.15 -2.47 29.67
C ARG B 337 19.40 -2.64 30.53
N ARG B 338 19.22 -3.16 31.74
CA ARG B 338 20.33 -3.42 32.66
C ARG B 338 21.37 -4.39 32.09
N LEU B 339 20.91 -5.48 31.47
CA LEU B 339 21.82 -6.46 30.85
C LEU B 339 22.65 -5.83 29.74
N TYR B 340 22.02 -4.92 28.97
CA TYR B 340 22.71 -4.18 27.91
C TYR B 340 23.81 -3.27 28.45
N GLU B 341 23.54 -2.58 29.55
CA GLU B 341 24.53 -1.74 30.24
C GLU B 341 25.66 -2.60 30.83
N GLU B 342 25.27 -3.69 31.48
CA GLU B 342 26.21 -4.63 32.10
C GLU B 342 27.22 -5.20 31.11
N ALA B 343 26.75 -5.49 29.91
CA ALA B 343 27.58 -6.12 28.87
C ALA B 343 28.42 -5.13 28.06
N ASP B 344 28.43 -3.88 28.47
CA ASP B 344 29.21 -2.81 27.81
C ASP B 344 28.88 -2.67 26.33
N LEU B 345 27.60 -2.45 26.03
CA LEU B 345 27.17 -2.29 24.64
C LEU B 345 27.43 -0.87 24.15
N GLN B 346 27.50 0.08 25.09
CA GLN B 346 27.84 1.45 24.76
C GLN B 346 29.30 1.54 24.32
N GLY B 347 30.13 0.67 24.87
CA GLY B 347 31.51 0.51 24.43
C GLY B 347 31.60 -0.04 23.01
N ASP B 348 30.81 -1.06 22.72
CA ASP B 348 30.77 -1.65 21.38
C ASP B 348 30.27 -0.66 20.34
N TYR B 349 29.27 0.13 20.73
CA TYR B 349 28.68 1.12 19.84
C TYR B 349 29.69 2.20 19.43
N VAL B 350 30.42 2.75 20.39
CA VAL B 350 31.46 3.75 20.13
C VAL B 350 32.47 3.25 19.09
N ALA B 351 32.89 2.00 19.23
CA ALA B 351 33.87 1.38 18.33
C ALA B 351 33.28 1.08 16.96
N TYR B 352 32.02 0.64 16.95
CA TYR B 352 31.29 0.45 15.71
C TYR B 352 31.24 1.79 14.95
N GLU B 353 30.77 2.82 15.63
CA GLU B 353 30.64 4.17 15.07
C GLU B 353 31.94 4.72 14.48
N ALA B 354 33.04 4.50 15.21
CA ALA B 354 34.38 4.93 14.78
C ALA B 354 34.80 4.20 13.51
N ALA B 355 34.56 2.89 13.49
CA ALA B 355 34.80 2.03 12.32
C ALA B 355 33.98 2.45 11.11
N VAL B 356 32.70 2.78 11.34
CA VAL B 356 31.86 3.30 10.26
C VAL B 356 32.42 4.62 9.73
N ALA B 357 32.73 5.55 10.63
CA ALA B 357 33.19 6.88 10.24
C ALA B 357 34.43 6.83 9.36
N GLU B 358 35.32 5.88 9.65
CA GLU B 358 36.55 5.70 8.87
C GLU B 358 36.29 5.20 7.43
N GLN B 359 35.39 4.24 7.29
CA GLN B 359 35.06 3.69 5.98
C GLN B 359 34.32 4.72 5.16
N VAL B 360 33.41 5.45 5.82
CA VAL B 360 32.68 6.52 5.15
C VAL B 360 33.64 7.56 4.59
N LYS B 361 34.57 8.03 5.42
CA LYS B 361 35.53 9.05 4.95
C LYS B 361 36.35 8.55 3.77
N GLU B 362 36.79 7.30 3.84
CA GLU B 362 37.53 6.67 2.73
C GLU B 362 36.69 6.65 1.46
N LEU B 363 35.42 6.26 1.59
CA LEU B 363 34.54 6.17 0.42
C LEU B 363 34.19 7.53 -0.18
N ILE B 364 34.02 8.54 0.67
CA ILE B 364 33.76 9.90 0.21
C ILE B 364 34.91 10.47 -0.63
N GLU B 365 36.14 10.08 -0.29
CA GLU B 365 37.30 10.53 -1.05
C GLU B 365 37.43 9.86 -2.43
N LYS B 366 37.09 8.57 -2.50
CA LYS B 366 36.91 7.88 -3.78
C LYS B 366 35.93 8.61 -4.67
N LEU B 367 34.83 9.09 -4.09
CA LEU B 367 33.83 9.85 -4.82
C LEU B 367 34.35 11.19 -5.26
N ARG B 368 35.12 11.82 -4.39
CA ARG B 368 35.63 13.17 -4.64
C ARG B 368 36.48 13.29 -5.92
N LEU B 369 37.19 12.22 -6.29
CA LEU B 369 38.12 12.27 -7.44
C LEU B 369 37.43 12.72 -8.72
N CYS B 370 36.33 12.04 -9.05
CA CYS B 370 35.61 12.36 -10.28
C CYS B 370 34.29 13.08 -10.04
N SER B 371 33.82 13.06 -8.79
CA SER B 371 32.52 13.67 -8.45
C SER B 371 32.57 14.64 -7.26
N PRO B 372 33.36 15.74 -7.38
CA PRO B 372 33.61 16.67 -6.26
C PRO B 372 32.33 17.32 -5.68
N GLY B 373 31.44 17.75 -6.55
CA GLY B 373 30.18 18.36 -6.14
C GLY B 373 29.29 17.42 -5.36
N PHE B 374 29.22 16.16 -5.80
CA PHE B 374 28.37 15.13 -5.19
C PHE B 374 28.93 14.61 -3.87
N ALA B 375 30.26 14.39 -3.85
CA ALA B 375 30.99 14.06 -2.63
C ALA B 375 30.72 15.04 -1.49
N ALA B 376 30.65 16.32 -1.82
CA ALA B 376 30.33 17.35 -0.84
C ALA B 376 28.91 17.21 -0.27
N SER B 377 27.96 16.84 -1.12
CA SER B 377 26.58 16.68 -0.67
C SER B 377 26.47 15.42 0.18
N VAL B 378 27.26 14.40 -0.16
CA VAL B 378 27.34 13.17 0.63
C VAL B 378 27.98 13.44 2.01
N GLU B 379 29.08 14.20 2.02
CA GLU B 379 29.63 14.72 3.29
C GLU B 379 28.58 15.45 4.14
N THR B 380 27.74 16.28 3.51
CA THR B 380 26.72 17.01 4.23
C THR B 380 25.68 16.06 4.86
N LEU B 381 25.32 15.01 4.13
CA LEU B 381 24.37 14.02 4.59
C LEU B 381 24.98 13.26 5.77
N TRP B 382 26.26 12.91 5.64
CA TRP B 382 26.98 12.27 6.72
C TRP B 382 26.95 13.15 7.98
N GLY B 383 27.19 14.45 7.81
CA GLY B 383 27.15 15.40 8.92
C GLY B 383 25.83 15.44 9.66
N LYS B 384 24.72 15.23 8.94
CA LYS B 384 23.41 15.16 9.56
C LYS B 384 23.19 13.82 10.25
N THR B 385 24.11 12.88 10.02
CA THR B 385 23.96 11.50 10.49
C THR B 385 24.87 11.21 11.67
N TYR B 386 26.18 11.40 11.46
CA TYR B 386 27.20 11.05 12.45
C TYR B 386 26.94 11.72 13.79
N LYS B 387 26.86 10.90 14.84
CA LYS B 387 26.60 11.35 16.21
C LYS B 387 25.35 12.23 16.38
N ARG B 388 24.33 11.96 15.56
CA ARG B 388 23.04 12.63 15.67
C ARG B 388 22.50 12.43 17.07
N GLN B 389 21.82 13.46 17.57
CA GLN B 389 21.26 13.46 18.93
C GLN B 389 19.78 13.16 18.86
N LYS B 390 19.31 12.94 17.62
CA LYS B 390 17.90 12.90 17.24
C LYS B 390 16.91 12.52 18.35
#